data_5IWY
#
_entry.id   5IWY
#
_cell.length_a   57.057
_cell.length_b   89.460
_cell.length_c   87.986
_cell.angle_alpha   90.00
_cell.angle_beta   103.80
_cell.angle_gamma   90.00
#
_symmetry.space_group_name_H-M   'P 1 21 1'
#
loop_
_entity.id
_entity.type
_entity.pdbx_description
1 polymer '2-C-methyl-D-erythritol 2,4-cyclodiphosphate synthase'
2 non-polymer 'MAGNESIUM ION'
3 non-polymer "CYTIDINE-5'-MONOPHOSPHATE"
4 water water
#
_entity_poly.entity_id   1
_entity_poly.type   'polypeptide(L)'
_entity_poly.pdbx_seq_one_letter_code
;MFRIGQGFDVHQLVEGRPLIIGGIEIPYEKGLLGHSDADVLLHTVADACLGAVGEGDIGKHFPDTDPEFKDADSFKLLQH
VWGIVKQKGYVLGNIDCTIIAQKPKMLPYIEDMRKRIAEGLEADVSQVNVKATTTEKLGFTGRAEGIAAQATVLIQKG
;
_entity_poly.pdbx_strand_id   A,B,C,D,E,F
#
# COMPACT_ATOMS: atom_id res chain seq x y z
N MET A 1 8.54 -19.18 21.17
CA MET A 1 7.13 -18.73 21.16
C MET A 1 6.99 -17.27 20.72
N PHE A 2 7.89 -16.44 21.21
CA PHE A 2 7.94 -15.02 20.85
C PHE A 2 9.35 -14.71 20.30
N ARG A 3 9.47 -13.74 19.42
CA ARG A 3 10.79 -13.25 19.03
C ARG A 3 10.71 -11.70 18.93
N ILE A 4 11.81 -11.06 19.22
CA ILE A 4 12.00 -9.61 19.04
C ILE A 4 12.90 -9.27 17.85
N GLY A 5 12.63 -8.10 17.22
CA GLY A 5 13.36 -7.60 16.10
C GLY A 5 13.46 -6.11 16.26
N GLN A 6 14.54 -5.54 15.72
CA GLN A 6 14.73 -4.08 15.76
C GLN A 6 15.29 -3.59 14.46
N GLY A 7 14.82 -2.43 13.99
CA GLY A 7 15.25 -1.95 12.70
C GLY A 7 15.71 -0.51 12.84
N PHE A 8 16.63 -0.09 12.01
CA PHE A 8 17.06 1.31 11.98
C PHE A 8 17.43 1.60 10.54
N ASP A 9 16.97 2.72 9.99
CA ASP A 9 17.39 3.15 8.66
C ASP A 9 17.46 4.66 8.57
N VAL A 10 18.24 5.13 7.59
CA VAL A 10 18.46 6.55 7.30
C VAL A 10 18.47 6.76 5.80
N HIS A 11 17.72 7.74 5.32
CA HIS A 11 17.83 8.21 3.94
C HIS A 11 18.01 9.73 3.86
N GLN A 12 18.75 10.16 2.84
CA GLN A 12 18.95 11.58 2.57
C GLN A 12 17.71 12.19 2.00
N LEU A 13 17.42 13.41 2.42
CA LEU A 13 16.36 14.24 1.88
C LEU A 13 16.99 15.11 0.79
N VAL A 14 16.42 15.08 -0.41
CA VAL A 14 16.93 15.83 -1.58
C VAL A 14 15.77 16.46 -2.38
N GLU A 15 16.03 17.54 -3.09
CA GLU A 15 15.06 18.08 -4.07
C GLU A 15 14.79 17.08 -5.16
N GLY A 16 13.58 17.10 -5.70
CA GLY A 16 13.24 16.34 -6.89
C GLY A 16 12.98 14.86 -6.72
N ARG A 17 12.64 14.43 -5.51
CA ARG A 17 12.24 13.05 -5.24
C ARG A 17 10.89 13.10 -4.52
N PRO A 18 10.03 12.09 -4.74
CA PRO A 18 8.83 12.01 -3.91
C PRO A 18 9.18 11.62 -2.48
N LEU A 19 8.36 12.00 -1.53
CA LEU A 19 8.51 11.62 -0.15
C LEU A 19 7.45 10.56 0.16
N ILE A 20 7.89 9.33 0.35
CA ILE A 20 7.06 8.18 0.64
C ILE A 20 7.59 7.67 1.96
N ILE A 21 6.74 7.67 2.99
CA ILE A 21 7.07 7.18 4.32
C ILE A 21 5.90 6.36 4.81
N GLY A 22 6.19 5.13 5.23
CA GLY A 22 5.15 4.23 5.69
C GLY A 22 4.13 3.89 4.62
N GLY A 23 4.56 3.94 3.38
CA GLY A 23 3.71 3.64 2.23
C GLY A 23 2.81 4.78 1.76
N ILE A 24 2.95 5.93 2.38
CA ILE A 24 2.07 7.03 2.15
C ILE A 24 2.89 8.13 1.50
N GLU A 25 2.39 8.67 0.39
CA GLU A 25 3.06 9.77 -0.28
C GLU A 25 2.65 11.08 0.42
N ILE A 26 3.65 11.86 0.79
CA ILE A 26 3.43 13.06 1.58
C ILE A 26 3.86 14.23 0.70
N PRO A 27 2.96 15.20 0.44
CA PRO A 27 3.34 16.33 -0.41
C PRO A 27 4.41 17.19 0.26
N TYR A 28 5.53 17.40 -0.42
CA TYR A 28 6.66 18.14 0.15
C TYR A 28 7.68 18.42 -0.94
N GLU A 29 8.50 19.45 -0.72
CA GLU A 29 9.44 19.91 -1.76
C GLU A 29 10.77 19.15 -1.79
N LYS A 30 10.93 18.20 -0.88
CA LYS A 30 12.00 17.22 -0.93
C LYS A 30 11.41 15.83 -0.73
N GLY A 31 12.18 14.84 -1.15
CA GLY A 31 11.84 13.45 -0.89
C GLY A 31 13.06 12.71 -0.48
N LEU A 32 12.95 11.39 -0.29
CA LEU A 32 14.08 10.59 0.16
C LEU A 32 14.79 10.00 -1.02
N LEU A 33 16.12 10.02 -0.94
CA LEU A 33 16.98 9.54 -1.98
C LEU A 33 17.35 8.08 -1.75
N GLY A 34 17.18 7.25 -2.77
CA GLY A 34 17.61 5.84 -2.72
C GLY A 34 17.51 5.25 -4.10
N HIS A 35 18.02 4.03 -4.25
CA HIS A 35 17.77 3.19 -5.42
C HIS A 35 16.29 2.80 -5.57
N SER A 36 15.64 2.45 -4.44
CA SER A 36 14.19 2.20 -4.40
C SER A 36 13.45 3.52 -4.21
N ASP A 37 12.17 3.42 -3.83
CA ASP A 37 11.39 4.59 -3.43
C ASP A 37 11.88 5.21 -2.12
N ALA A 38 12.78 4.50 -1.44
CA ALA A 38 13.54 5.03 -0.32
C ALA A 38 12.63 5.32 0.88
N ASP A 39 11.63 4.48 1.05
CA ASP A 39 10.69 4.60 2.16
C ASP A 39 11.40 4.16 3.42
N VAL A 40 11.96 5.12 4.12
CA VAL A 40 12.83 4.82 5.26
C VAL A 40 12.09 4.03 6.39
N LEU A 41 10.82 4.30 6.58
CA LEU A 41 10.03 3.62 7.60
C LEU A 41 9.72 2.17 7.23
N LEU A 42 9.30 1.91 6.00
CA LEU A 42 9.04 0.55 5.57
C LEU A 42 10.30 -0.29 5.50
N HIS A 43 11.43 0.32 5.17
CA HIS A 43 12.71 -0.38 5.21
C HIS A 43 13.07 -0.82 6.67
N THR A 44 12.78 0.08 7.59
CA THR A 44 13.00 -0.16 9.01
C THR A 44 12.10 -1.26 9.54
N VAL A 45 10.84 -1.21 9.17
CA VAL A 45 9.89 -2.24 9.60
C VAL A 45 10.33 -3.61 9.00
N ALA A 46 10.69 -3.60 7.72
CA ALA A 46 11.11 -4.84 7.07
C ALA A 46 12.33 -5.43 7.75
N ASP A 47 13.31 -4.58 8.06
CA ASP A 47 14.54 -4.98 8.77
C ASP A 47 14.22 -5.51 10.15
N ALA A 48 13.33 -4.86 10.90
CA ALA A 48 12.96 -5.44 12.21
C ALA A 48 12.35 -6.83 12.07
N CYS A 49 11.50 -7.03 11.08
CA CYS A 49 10.85 -8.32 10.81
C CYS A 49 11.83 -9.40 10.48
N LEU A 50 12.77 -9.09 9.59
CA LEU A 50 13.78 -10.04 9.17
C LEU A 50 14.66 -10.33 10.33
N GLY A 51 14.94 -9.29 11.08
CA GLY A 51 15.71 -9.46 12.31
C GLY A 51 15.10 -10.41 13.31
N ALA A 52 13.81 -10.32 13.47
CA ALA A 52 13.13 -11.12 14.45
C ALA A 52 13.26 -12.61 14.11
N VAL A 53 13.25 -12.96 12.81
CA VAL A 53 13.40 -14.38 12.37
C VAL A 53 14.80 -14.83 12.02
N GLY A 54 15.81 -14.04 12.32
CA GLY A 54 17.17 -14.45 12.00
C GLY A 54 17.49 -14.56 10.50
N GLU A 55 16.83 -13.77 9.67
CA GLU A 55 17.06 -13.72 8.21
C GLU A 55 17.77 -12.48 7.69
N GLY A 56 18.64 -11.92 8.51
CA GLY A 56 19.57 -10.95 8.00
C GLY A 56 18.96 -9.59 7.92
N ASP A 57 19.05 -8.95 6.75
CA ASP A 57 18.52 -7.59 6.56
C ASP A 57 18.08 -7.44 5.14
N ILE A 58 17.50 -6.29 4.82
CA ILE A 58 16.90 -6.13 3.52
C ILE A 58 17.94 -6.24 2.38
N GLY A 59 19.17 -5.83 2.63
CA GLY A 59 20.29 -6.03 1.69
C GLY A 59 20.66 -7.47 1.36
N LYS A 60 20.37 -8.40 2.24
CA LYS A 60 20.61 -9.79 1.94
C LYS A 60 19.55 -10.33 0.98
N HIS A 61 18.35 -9.77 1.00
CA HIS A 61 17.30 -10.22 0.10
C HIS A 61 17.11 -9.37 -1.12
N PHE A 62 17.37 -8.07 -0.99
CA PHE A 62 17.15 -7.09 -2.04
C PHE A 62 18.33 -6.14 -2.11
N PRO A 63 19.48 -6.64 -2.58
CA PRO A 63 20.65 -5.77 -2.65
C PRO A 63 20.41 -4.60 -3.58
N ASP A 64 21.17 -3.53 -3.42
CA ASP A 64 21.04 -2.33 -4.30
C ASP A 64 21.23 -2.64 -5.78
N THR A 65 21.94 -3.74 -6.02
CA THR A 65 22.42 -4.09 -7.34
C THR A 65 21.40 -4.94 -8.06
N ASP A 66 20.35 -5.36 -7.35
CA ASP A 66 19.28 -6.14 -7.92
C ASP A 66 18.47 -5.17 -8.78
N PRO A 67 18.30 -5.48 -10.10
CA PRO A 67 17.53 -4.52 -10.92
C PRO A 67 16.08 -4.31 -10.45
N GLU A 68 15.54 -5.27 -9.71
CA GLU A 68 14.22 -5.21 -9.06
C GLU A 68 14.10 -4.18 -7.94
N PHE A 69 15.20 -3.94 -7.24
CA PHE A 69 15.24 -2.92 -6.20
C PHE A 69 15.10 -1.51 -6.82
N LYS A 70 15.56 -1.30 -8.05
CA LYS A 70 15.52 0.04 -8.66
C LYS A 70 14.07 0.51 -8.76
N ASP A 71 13.78 1.65 -8.14
CA ASP A 71 12.40 2.15 -8.00
C ASP A 71 11.39 1.18 -7.37
N ALA A 72 11.84 0.18 -6.61
CA ALA A 72 10.90 -0.77 -6.05
C ALA A 72 9.97 -0.08 -5.07
N ASP A 73 8.76 -0.61 -5.00
CA ASP A 73 7.75 -0.14 -4.09
C ASP A 73 8.10 -0.88 -2.79
N SER A 74 8.42 -0.13 -1.75
CA SER A 74 8.85 -0.70 -0.46
C SER A 74 7.73 -1.49 0.23
N PHE A 75 6.48 -1.23 -0.14
CA PHE A 75 5.35 -1.97 0.46
C PHE A 75 5.36 -3.37 -0.04
N LYS A 76 5.67 -3.53 -1.33
CA LYS A 76 5.85 -4.84 -1.92
C LYS A 76 7.01 -5.61 -1.29
N LEU A 77 8.14 -4.96 -1.10
CA LEU A 77 9.26 -5.55 -0.35
C LEU A 77 8.82 -6.01 1.05
N LEU A 78 8.07 -5.13 1.73
CA LEU A 78 7.54 -5.50 3.05
C LEU A 78 6.68 -6.75 2.97
N GLN A 79 5.84 -6.82 1.96
CA GLN A 79 5.07 -8.05 1.80
C GLN A 79 5.90 -9.30 1.60
N HIS A 80 6.94 -9.20 0.77
CA HIS A 80 7.83 -10.32 0.60
C HIS A 80 8.48 -10.76 1.92
N VAL A 81 8.95 -9.80 2.67
CA VAL A 81 9.54 -10.09 3.97
C VAL A 81 8.51 -10.74 4.90
N TRP A 82 7.29 -10.24 4.87
CA TRP A 82 6.27 -10.82 5.75
C TRP A 82 5.95 -12.28 5.35
N GLY A 83 6.02 -12.62 4.06
CA GLY A 83 5.90 -14.02 3.63
C GLY A 83 6.96 -14.90 4.23
N ILE A 84 8.17 -14.37 4.39
CA ILE A 84 9.28 -15.08 5.05
C ILE A 84 8.95 -15.39 6.51
N VAL A 85 8.43 -14.37 7.21
CA VAL A 85 8.05 -14.48 8.63
C VAL A 85 6.96 -15.57 8.76
N LYS A 86 5.93 -15.48 7.94
CA LYS A 86 4.80 -16.43 7.97
C LYS A 86 5.21 -17.86 7.68
N GLN A 87 6.23 -18.07 6.85
CA GLN A 87 6.68 -19.42 6.52
C GLN A 87 7.41 -20.01 7.75
N LYS A 88 8.00 -19.15 8.57
CA LYS A 88 8.63 -19.57 9.82
C LYS A 88 7.61 -19.89 10.92
N GLY A 89 6.32 -19.72 10.70
CA GLY A 89 5.34 -20.03 11.73
C GLY A 89 4.80 -18.86 12.56
N TYR A 90 5.22 -17.63 12.25
CA TYR A 90 4.89 -16.45 13.08
C TYR A 90 3.84 -15.51 12.53
N VAL A 91 3.17 -14.80 13.45
CA VAL A 91 2.23 -13.71 13.16
C VAL A 91 2.68 -12.48 14.01
N LEU A 92 2.15 -11.30 13.70
CA LEU A 92 2.50 -10.09 14.45
C LEU A 92 1.91 -10.13 15.86
N GLY A 93 2.75 -9.86 16.87
CA GLY A 93 2.37 -9.45 18.24
C GLY A 93 1.98 -7.98 18.18
N ASN A 94 3.00 -7.11 18.16
CA ASN A 94 2.77 -5.74 17.85
C ASN A 94 4.03 -5.11 17.38
N ILE A 95 3.93 -3.90 16.85
CA ILE A 95 5.10 -3.17 16.38
C ILE A 95 4.96 -1.72 16.80
N ASP A 96 6.08 -1.11 17.15
CA ASP A 96 6.18 0.28 17.51
C ASP A 96 7.35 0.91 16.75
N CYS A 97 7.09 2.06 16.15
CA CYS A 97 8.02 2.67 15.19
C CYS A 97 8.10 4.16 15.50
N THR A 98 9.23 4.77 15.16
CA THR A 98 9.45 6.19 15.33
C THR A 98 10.10 6.75 14.05
N ILE A 99 9.52 7.82 13.50
CA ILE A 99 10.11 8.61 12.45
C ILE A 99 10.91 9.72 13.14
N ILE A 100 12.17 9.88 12.74
CA ILE A 100 13.03 10.92 13.25
C ILE A 100 13.24 11.93 12.13
N ALA A 101 12.51 13.03 12.18
CA ALA A 101 12.54 14.03 11.10
C ALA A 101 12.26 15.42 11.66
N GLN A 102 13.02 16.42 11.20
CA GLN A 102 12.76 17.79 11.62
C GLN A 102 11.49 18.27 10.95
N LYS A 103 11.36 17.96 9.66
CA LYS A 103 10.16 18.21 8.86
C LYS A 103 10.04 17.21 7.67
N PRO A 104 8.83 17.04 7.11
CA PRO A 104 7.58 17.70 7.54
C PRO A 104 6.96 17.11 8.78
N LYS A 105 5.93 17.79 9.24
CA LYS A 105 5.05 17.33 10.31
C LYS A 105 4.40 16.02 9.85
N MET A 106 4.61 14.95 10.59
CA MET A 106 4.17 13.63 10.17
C MET A 106 2.74 13.34 10.58
N LEU A 107 2.37 13.87 11.74
CA LEU A 107 1.08 13.71 12.41
C LEU A 107 -0.18 13.48 11.55
N PRO A 108 -0.42 14.35 10.54
CA PRO A 108 -1.61 14.11 9.71
C PRO A 108 -1.61 12.81 8.91
N TYR A 109 -0.45 12.24 8.65
CA TYR A 109 -0.33 11.04 7.82
C TYR A 109 -0.17 9.77 8.64
N ILE A 110 -0.01 9.91 9.96
CA ILE A 110 0.25 8.78 10.87
C ILE A 110 -0.81 7.68 10.72
N GLU A 111 -2.07 8.02 10.76
CA GLU A 111 -3.11 7.00 10.74
C GLU A 111 -3.13 6.21 9.43
N ASP A 112 -2.87 6.86 8.29
CA ASP A 112 -2.71 6.17 7.01
C ASP A 112 -1.48 5.26 7.02
N MET A 113 -0.37 5.71 7.62
CA MET A 113 0.80 4.82 7.78
C MET A 113 0.51 3.59 8.59
N ARG A 114 -0.21 3.78 9.69
CA ARG A 114 -0.53 2.68 10.54
C ARG A 114 -1.35 1.64 9.83
N LYS A 115 -2.36 2.09 9.07
CA LYS A 115 -3.23 1.19 8.29
C LYS A 115 -2.45 0.44 7.20
N ARG A 116 -1.50 1.14 6.59
CA ARG A 116 -0.73 0.55 5.50
C ARG A 116 0.23 -0.48 6.07
N ILE A 117 0.86 -0.17 7.18
CA ILE A 117 1.78 -1.11 7.81
C ILE A 117 1.00 -2.33 8.28
N ALA A 118 -0.12 -2.09 8.94
CA ALA A 118 -0.96 -3.17 9.38
C ALA A 118 -1.36 -4.10 8.23
N GLU A 119 -1.69 -3.53 7.07
CA GLU A 119 -2.05 -4.35 5.86
C GLU A 119 -0.89 -5.21 5.41
N GLY A 120 0.32 -4.63 5.41
CA GLY A 120 1.49 -5.39 5.06
C GLY A 120 1.87 -6.51 6.01
N LEU A 121 1.52 -6.39 7.30
CA LEU A 121 1.85 -7.38 8.31
C LEU A 121 0.60 -8.21 8.66
N GLU A 122 -0.47 -8.07 7.86
CA GLU A 122 -1.70 -8.85 7.96
C GLU A 122 -2.25 -8.80 9.33
N ALA A 123 -2.42 -7.59 9.85
CA ALA A 123 -2.63 -7.43 11.29
C ALA A 123 -3.68 -6.39 11.49
N ASP A 124 -4.19 -6.27 12.72
CA ASP A 124 -5.08 -5.15 13.05
C ASP A 124 -4.29 -3.88 13.27
N VAL A 125 -4.88 -2.75 12.92
CA VAL A 125 -4.33 -1.44 13.21
C VAL A 125 -3.98 -1.21 14.69
N SER A 126 -4.73 -1.81 15.62
CA SER A 126 -4.41 -1.73 17.04
C SER A 126 -3.06 -2.32 17.39
N GLN A 127 -2.48 -3.13 16.50
CA GLN A 127 -1.19 -3.77 16.72
C GLN A 127 -0.01 -2.95 16.22
N VAL A 128 -0.30 -1.80 15.62
CA VAL A 128 0.72 -1.01 14.98
C VAL A 128 0.71 0.37 15.57
N ASN A 129 1.88 0.83 15.98
CA ASN A 129 2.00 2.21 16.42
C ASN A 129 3.13 2.92 15.64
N VAL A 130 2.87 4.16 15.21
CA VAL A 130 3.86 4.99 14.58
C VAL A 130 3.85 6.33 15.28
N LYS A 131 5.03 6.81 15.62
CA LYS A 131 5.18 8.12 16.12
C LYS A 131 6.30 8.86 15.44
N ALA A 132 6.35 10.16 15.70
CA ALA A 132 7.41 11.03 15.13
C ALA A 132 8.03 11.89 16.20
N THR A 133 9.33 12.21 16.07
CA THR A 133 10.01 13.18 16.95
C THR A 133 11.04 13.91 16.08
N THR A 134 11.35 15.14 16.44
CA THR A 134 12.44 15.90 15.80
C THR A 134 13.62 15.63 16.71
N THR A 135 14.76 16.15 16.34
CA THR A 135 15.94 16.15 17.21
C THR A 135 16.29 17.59 17.62
N GLU A 136 15.27 18.45 17.65
CA GLU A 136 15.36 19.82 18.15
C GLU A 136 16.47 20.55 17.44
N LYS A 137 16.50 20.40 16.11
CA LYS A 137 17.46 21.01 15.23
C LYS A 137 18.90 20.56 15.41
N LEU A 138 19.14 19.45 16.08
CA LEU A 138 20.51 18.97 16.27
C LEU A 138 20.78 17.84 15.32
N GLY A 139 22.05 17.77 14.90
CA GLY A 139 22.57 16.67 14.09
C GLY A 139 22.05 16.73 12.66
N PHE A 140 22.31 15.67 11.89
CA PHE A 140 21.88 15.63 10.49
C PHE A 140 20.38 15.69 10.29
N THR A 141 19.59 15.03 11.14
CA THR A 141 18.14 15.14 11.03
C THR A 141 17.70 16.54 11.40
N GLY A 142 18.34 17.13 12.40
CA GLY A 142 17.99 18.49 12.80
C GLY A 142 18.26 19.54 11.72
N ARG A 143 19.27 19.29 10.86
CA ARG A 143 19.57 20.11 9.68
C ARG A 143 18.74 19.73 8.42
N ALA A 144 17.80 18.80 8.56
CA ALA A 144 16.92 18.36 7.46
C ALA A 144 17.73 17.84 6.30
N GLU A 145 18.84 17.20 6.63
CA GLU A 145 19.68 16.52 5.66
C GLU A 145 19.18 15.10 5.35
N GLY A 146 18.40 14.53 6.26
CA GLY A 146 17.88 13.17 6.10
C GLY A 146 16.78 12.90 7.09
N ILE A 147 16.22 11.72 6.96
CA ILE A 147 15.17 11.29 7.88
C ILE A 147 15.61 9.93 8.30
N ALA A 148 15.47 9.64 9.59
CA ALA A 148 15.75 8.29 10.12
C ALA A 148 14.48 7.67 10.70
N ALA A 149 14.52 6.37 10.92
CA ALA A 149 13.42 5.69 11.58
C ALA A 149 13.94 4.52 12.39
N GLN A 150 13.15 4.14 13.41
CA GLN A 150 13.45 3.00 14.27
C GLN A 150 12.17 2.25 14.44
N ALA A 151 12.27 0.93 14.59
CA ALA A 151 11.13 0.11 14.87
C ALA A 151 11.57 -1.07 15.75
N THR A 152 10.66 -1.48 16.65
CA THR A 152 10.80 -2.69 17.44
C THR A 152 9.53 -3.50 17.26
N VAL A 153 9.71 -4.81 17.01
CA VAL A 153 8.61 -5.67 16.67
C VAL A 153 8.72 -6.87 17.59
N LEU A 154 7.56 -7.33 18.00
CA LEU A 154 7.39 -8.58 18.72
C LEU A 154 6.50 -9.42 17.86
N ILE A 155 7.01 -10.60 17.50
CA ILE A 155 6.24 -11.54 16.76
C ILE A 155 5.97 -12.76 17.66
N GLN A 156 4.94 -13.51 17.33
CA GLN A 156 4.60 -14.76 18.04
C GLN A 156 4.14 -15.86 17.11
N LYS A 157 4.32 -17.10 17.58
CA LYS A 157 3.78 -18.25 16.86
C LYS A 157 2.27 -18.15 16.59
N GLY A 158 1.87 -18.48 15.37
CA GLY A 158 0.47 -18.41 15.03
C GLY A 158 0.21 -18.68 13.57
N MET B 1 7.81 -16.39 31.77
CA MET B 1 8.19 -14.97 31.79
C MET B 1 9.39 -14.65 30.87
N PHE B 2 9.31 -13.42 30.36
CA PHE B 2 10.22 -12.86 29.38
C PHE B 2 10.69 -11.51 29.89
N ARG B 3 11.93 -11.15 29.53
CA ARG B 3 12.46 -9.82 29.74
C ARG B 3 13.14 -9.29 28.48
N ILE B 4 13.03 -7.99 28.27
CA ILE B 4 13.63 -7.27 27.11
C ILE B 4 14.82 -6.43 27.61
N GLY B 5 15.81 -6.23 26.73
CA GLY B 5 16.94 -5.35 26.99
C GLY B 5 17.35 -4.68 25.70
N GLN B 6 17.99 -3.52 25.81
CA GLN B 6 18.40 -2.76 24.62
C GLN B 6 19.78 -2.25 24.89
N GLY B 7 20.66 -2.26 23.89
CA GLY B 7 22.02 -1.74 24.05
C GLY B 7 22.31 -0.73 22.96
N PHE B 8 23.21 0.19 23.27
CA PHE B 8 23.73 1.13 22.30
C PHE B 8 25.12 1.44 22.71
N ASP B 9 26.05 1.46 21.75
CA ASP B 9 27.39 1.91 22.02
C ASP B 9 28.05 2.52 20.76
N VAL B 10 29.08 3.34 20.99
CA VAL B 10 29.84 4.03 19.97
C VAL B 10 31.34 4.00 20.32
N HIS B 11 32.21 3.73 19.35
CA HIS B 11 33.63 3.97 19.49
C HIS B 11 34.16 4.68 18.25
N GLN B 12 35.19 5.48 18.46
CA GLN B 12 35.85 6.24 17.42
C GLN B 12 36.75 5.29 16.62
N LEU B 13 36.80 5.52 15.31
CA LEU B 13 37.72 4.84 14.41
C LEU B 13 38.97 5.70 14.39
N VAL B 14 40.13 5.06 14.53
CA VAL B 14 41.45 5.73 14.58
C VAL B 14 42.50 4.85 13.92
N GLU B 15 43.58 5.46 13.40
CA GLU B 15 44.67 4.68 12.79
C GLU B 15 45.45 3.92 13.84
N GLY B 16 46.02 2.78 13.43
CA GLY B 16 46.89 2.00 14.30
C GLY B 16 46.20 1.26 15.43
N ARG B 17 45.01 0.70 15.14
CA ARG B 17 44.38 -0.28 16.04
C ARG B 17 43.75 -1.40 15.21
N PRO B 18 43.71 -2.63 15.75
CA PRO B 18 42.91 -3.63 15.06
C PRO B 18 41.42 -3.26 15.08
N LEU B 19 40.70 -3.62 14.02
CA LEU B 19 39.24 -3.52 13.98
C LEU B 19 38.67 -4.86 14.42
N ILE B 20 38.15 -4.92 15.64
CA ILE B 20 37.46 -6.12 16.13
C ILE B 20 35.99 -5.79 16.40
N ILE B 21 35.10 -6.47 15.67
CA ILE B 21 33.66 -6.28 15.76
C ILE B 21 32.98 -7.67 15.77
N GLY B 22 32.09 -7.85 16.74
CA GLY B 22 31.38 -9.12 16.96
C GLY B 22 32.30 -10.25 17.25
N GLY B 23 33.44 -9.93 17.82
CA GLY B 23 34.47 -10.92 18.17
C GLY B 23 35.30 -11.43 17.00
N ILE B 24 35.23 -10.75 15.87
CA ILE B 24 35.99 -11.09 14.67
C ILE B 24 36.92 -9.95 14.32
N GLU B 25 38.20 -10.24 14.09
CA GLU B 25 39.14 -9.22 13.59
C GLU B 25 38.91 -9.02 12.11
N ILE B 26 38.58 -7.79 11.71
CA ILE B 26 38.33 -7.45 10.32
C ILE B 26 39.59 -6.70 9.85
N PRO B 27 40.25 -7.18 8.75
CA PRO B 27 41.40 -6.43 8.21
C PRO B 27 40.96 -5.05 7.68
N TYR B 28 41.53 -3.98 8.24
CA TYR B 28 41.14 -2.61 7.86
C TYR B 28 42.21 -1.63 8.35
N GLU B 29 42.25 -0.44 7.72
CA GLU B 29 43.31 0.57 8.00
C GLU B 29 43.05 1.47 9.23
N LYS B 30 41.89 1.32 9.84
CA LYS B 30 41.60 1.88 11.15
C LYS B 30 40.97 0.78 12.00
N GLY B 31 41.04 0.99 13.30
CA GLY B 31 40.36 0.16 14.29
C GLY B 31 39.68 1.06 15.30
N LEU B 32 39.05 0.43 16.28
CA LEU B 32 38.24 1.15 17.24
C LEU B 32 39.06 1.47 18.46
N LEU B 33 38.91 2.70 18.97
CA LEU B 33 39.64 3.16 20.12
C LEU B 33 38.90 2.88 21.41
N GLY B 34 39.63 2.33 22.38
CA GLY B 34 39.15 2.09 23.74
C GLY B 34 40.26 1.51 24.60
N HIS B 35 40.00 1.38 25.90
CA HIS B 35 40.92 0.73 26.83
C HIS B 35 40.95 -0.77 26.57
N SER B 36 39.77 -1.35 26.30
CA SER B 36 39.63 -2.75 25.89
C SER B 36 39.92 -2.87 24.40
N ASP B 37 39.64 -4.04 23.80
CA ASP B 37 39.64 -4.18 22.33
C ASP B 37 38.65 -3.24 21.60
N ALA B 38 37.72 -2.64 22.36
CA ALA B 38 36.82 -1.64 21.84
C ALA B 38 35.87 -2.27 20.85
N ASP B 39 35.48 -3.52 21.10
CA ASP B 39 34.51 -4.18 20.22
C ASP B 39 33.14 -3.62 20.52
N VAL B 40 32.74 -2.65 19.72
CA VAL B 40 31.49 -1.93 19.91
C VAL B 40 30.26 -2.84 19.90
N LEU B 41 30.22 -3.83 19.02
CA LEU B 41 29.06 -4.74 18.99
C LEU B 41 28.96 -5.65 20.21
N LEU B 42 30.08 -6.27 20.64
CA LEU B 42 30.03 -7.11 21.85
C LEU B 42 29.73 -6.28 23.14
N HIS B 43 30.22 -5.06 23.21
CA HIS B 43 29.77 -4.12 24.28
C HIS B 43 28.24 -3.88 24.31
N THR B 44 27.68 -3.71 23.12
CA THR B 44 26.31 -3.39 22.89
C THR B 44 25.48 -4.60 23.30
N VAL B 45 25.90 -5.78 22.87
CA VAL B 45 25.23 -7.03 23.26
C VAL B 45 25.24 -7.23 24.80
N ALA B 46 26.41 -7.00 25.41
CA ALA B 46 26.58 -7.11 26.85
C ALA B 46 25.64 -6.16 27.59
N ASP B 47 25.56 -4.90 27.13
CA ASP B 47 24.69 -3.93 27.76
C ASP B 47 23.21 -4.29 27.65
N ALA B 48 22.79 -4.78 26.50
CA ALA B 48 21.44 -5.27 26.30
C ALA B 48 21.12 -6.42 27.27
N CYS B 49 22.04 -7.37 27.40
CA CYS B 49 21.83 -8.50 28.32
C CYS B 49 21.77 -8.06 29.80
N LEU B 50 22.70 -7.20 30.21
CA LEU B 50 22.66 -6.61 31.56
C LEU B 50 21.38 -5.82 31.81
N GLY B 51 20.94 -5.07 30.80
CA GLY B 51 19.69 -4.35 30.88
C GLY B 51 18.45 -5.20 31.10
N ALA B 52 18.41 -6.32 30.39
CA ALA B 52 17.29 -7.23 30.47
C ALA B 52 17.06 -7.73 31.91
N VAL B 53 18.12 -7.89 32.70
CA VAL B 53 18.01 -8.45 34.05
C VAL B 53 18.22 -7.42 35.15
N GLY B 54 18.20 -6.14 34.80
CA GLY B 54 18.28 -5.07 35.76
C GLY B 54 19.60 -4.93 36.44
N GLU B 55 20.69 -5.17 35.74
CA GLU B 55 22.01 -5.16 36.37
C GLU B 55 22.89 -4.02 35.85
N GLY B 56 22.28 -2.93 35.41
CA GLY B 56 23.04 -1.73 35.06
C GLY B 56 23.62 -1.81 33.66
N ASP B 57 24.93 -1.57 33.55
CA ASP B 57 25.67 -1.59 32.31
C ASP B 57 27.08 -2.08 32.53
N ILE B 58 27.85 -2.17 31.43
CA ILE B 58 29.16 -2.79 31.51
C ILE B 58 30.08 -2.00 32.40
N GLY B 59 29.89 -0.69 32.46
CA GLY B 59 30.71 0.15 33.36
C GLY B 59 30.51 -0.06 34.86
N LYS B 60 29.31 -0.50 35.27
CA LYS B 60 29.09 -0.90 36.66
C LYS B 60 29.79 -2.24 36.99
N HIS B 61 30.03 -3.09 36.00
CA HIS B 61 30.72 -4.38 36.23
C HIS B 61 32.19 -4.41 35.80
N PHE B 62 32.54 -3.67 34.77
CA PHE B 62 33.89 -3.66 34.24
C PHE B 62 34.30 -2.25 33.93
N PRO B 63 34.53 -1.44 35.00
CA PRO B 63 34.82 -0.04 34.70
C PRO B 63 36.15 0.14 33.94
N ASP B 64 36.26 1.24 33.18
CA ASP B 64 37.48 1.75 32.49
C ASP B 64 38.76 1.59 33.30
N THR B 65 38.61 1.92 34.56
CA THR B 65 39.70 2.09 35.49
C THR B 65 40.13 0.74 36.10
N ASP B 66 39.42 -0.36 35.80
CA ASP B 66 39.82 -1.68 36.25
C ASP B 66 40.98 -2.22 35.38
N PRO B 67 42.16 -2.57 35.99
CA PRO B 67 43.28 -3.00 35.16
C PRO B 67 42.99 -4.20 34.27
N GLU B 68 42.09 -5.08 34.69
CA GLU B 68 41.63 -6.20 33.85
C GLU B 68 40.89 -5.77 32.58
N PHE B 69 40.30 -4.58 32.58
CA PHE B 69 39.67 -4.01 31.39
C PHE B 69 40.68 -3.64 30.31
N LYS B 70 41.89 -3.21 30.69
CA LYS B 70 42.87 -2.76 29.69
C LYS B 70 43.20 -3.92 28.75
N ASP B 71 43.11 -3.65 27.44
CA ASP B 71 43.16 -4.65 26.35
C ASP B 71 42.29 -5.91 26.56
N ALA B 72 41.18 -5.81 27.29
CA ALA B 72 40.33 -6.97 27.54
C ALA B 72 39.76 -7.49 26.23
N ASP B 73 39.60 -8.79 26.19
CA ASP B 73 38.84 -9.47 25.16
C ASP B 73 37.35 -9.29 25.44
N SER B 74 36.63 -8.61 24.56
CA SER B 74 35.20 -8.33 24.81
C SER B 74 34.34 -9.58 24.74
N PHE B 75 34.79 -10.64 24.08
CA PHE B 75 34.11 -11.94 24.14
C PHE B 75 34.12 -12.50 25.56
N LYS B 76 35.26 -12.38 26.25
CA LYS B 76 35.33 -12.80 27.65
C LYS B 76 34.47 -11.93 28.56
N LEU B 77 34.42 -10.62 28.33
CA LEU B 77 33.51 -9.76 29.08
C LEU B 77 32.05 -10.20 28.86
N LEU B 78 31.69 -10.60 27.62
CA LEU B 78 30.33 -11.12 27.31
C LEU B 78 29.99 -12.42 28.02
N GLN B 79 30.94 -13.34 28.04
CA GLN B 79 30.79 -14.61 28.79
C GLN B 79 30.55 -14.34 30.26
N HIS B 80 31.29 -13.42 30.86
CA HIS B 80 31.02 -13.01 32.26
C HIS B 80 29.61 -12.42 32.45
N VAL B 81 29.23 -11.47 31.58
CA VAL B 81 27.87 -10.92 31.60
C VAL B 81 26.82 -11.98 31.51
N TRP B 82 27.00 -12.88 30.55
CA TRP B 82 26.09 -13.99 30.37
C TRP B 82 25.99 -14.88 31.63
N GLY B 83 27.12 -15.08 32.31
CA GLY B 83 27.10 -15.72 33.65
C GLY B 83 26.07 -15.11 34.61
N ILE B 84 26.04 -13.79 34.66
CA ILE B 84 25.08 -13.04 35.49
C ILE B 84 23.66 -13.32 35.09
N VAL B 85 23.41 -13.30 33.78
CA VAL B 85 22.09 -13.58 33.27
C VAL B 85 21.62 -15.00 33.67
N LYS B 86 22.50 -15.97 33.49
CA LYS B 86 22.18 -17.36 33.85
C LYS B 86 21.96 -17.43 35.37
N GLN B 87 22.80 -16.76 36.13
CA GLN B 87 22.63 -16.74 37.58
C GLN B 87 21.25 -16.23 37.98
N LYS B 88 20.71 -15.25 37.23
CA LYS B 88 19.35 -14.78 37.48
C LYS B 88 18.25 -15.72 37.01
N GLY B 89 18.61 -16.86 36.43
CA GLY B 89 17.65 -17.88 35.97
C GLY B 89 17.07 -17.73 34.56
N TYR B 90 17.78 -17.05 33.63
CA TYR B 90 17.30 -16.85 32.27
C TYR B 90 18.23 -17.52 31.25
N VAL B 91 17.69 -17.73 30.06
CA VAL B 91 18.42 -18.16 28.87
C VAL B 91 17.99 -17.22 27.72
N LEU B 92 18.70 -17.32 26.60
CA LEU B 92 18.37 -16.47 25.45
C LEU B 92 17.07 -16.92 24.79
N GLY B 93 16.20 -15.93 24.45
CA GLY B 93 15.13 -16.11 23.49
C GLY B 93 15.71 -15.88 22.11
N ASN B 94 15.92 -14.60 21.77
CA ASN B 94 16.63 -14.25 20.56
C ASN B 94 17.24 -12.85 20.72
N ILE B 95 18.15 -12.53 19.84
CA ILE B 95 18.77 -11.21 19.86
C ILE B 95 18.89 -10.69 18.44
N ASP B 96 18.64 -9.38 18.27
CA ASP B 96 18.76 -8.71 16.99
C ASP B 96 19.66 -7.51 17.15
N CYS B 97 20.68 -7.40 16.28
CA CYS B 97 21.78 -6.42 16.44
C CYS B 97 21.94 -5.68 15.14
N THR B 98 22.40 -4.43 15.19
CA THR B 98 22.67 -3.64 14.00
C THR B 98 24.04 -2.95 14.19
N ILE B 99 24.96 -3.12 13.24
CA ILE B 99 26.22 -2.36 13.22
C ILE B 99 25.95 -1.15 12.35
N ILE B 100 26.30 0.04 12.81
CA ILE B 100 26.07 1.27 12.05
C ILE B 100 27.45 1.82 11.66
N ALA B 101 27.80 1.71 10.38
CA ALA B 101 29.15 1.92 9.91
C ALA B 101 29.14 2.23 8.41
N GLN B 102 29.89 3.26 8.02
CA GLN B 102 29.92 3.66 6.63
C GLN B 102 30.81 2.63 5.93
N LYS B 103 31.93 2.31 6.56
CA LYS B 103 32.82 1.27 6.10
C LYS B 103 33.56 0.71 7.34
N PRO B 104 34.08 -0.51 7.27
CA PRO B 104 34.04 -1.39 6.11
C PRO B 104 32.69 -2.02 5.86
N LYS B 105 32.62 -2.75 4.75
CA LYS B 105 31.49 -3.61 4.44
C LYS B 105 31.54 -4.84 5.38
N MET B 106 30.45 -5.06 6.11
CA MET B 106 30.42 -6.07 7.16
C MET B 106 29.95 -7.43 6.65
N LEU B 107 28.99 -7.42 5.72
CA LEU B 107 28.42 -8.62 5.06
C LEU B 107 29.32 -9.88 5.05
N PRO B 108 30.57 -9.77 4.55
CA PRO B 108 31.44 -10.95 4.57
C PRO B 108 31.80 -11.51 5.96
N TYR B 109 31.78 -10.69 6.99
CA TYR B 109 32.15 -11.17 8.30
C TYR B 109 30.96 -11.44 9.21
N ILE B 110 29.74 -11.23 8.71
CA ILE B 110 28.53 -11.31 9.50
C ILE B 110 28.27 -12.68 10.02
N GLU B 111 28.42 -13.71 9.19
CA GLU B 111 28.16 -15.08 9.65
C GLU B 111 29.08 -15.53 10.76
N ASP B 112 30.34 -15.16 10.69
CA ASP B 112 31.27 -15.48 11.80
C ASP B 112 30.92 -14.67 13.05
N MET B 113 30.44 -13.44 12.88
CA MET B 113 29.91 -12.68 14.05
C MET B 113 28.79 -13.36 14.78
N ARG B 114 27.80 -13.83 14.02
CA ARG B 114 26.65 -14.51 14.58
C ARG B 114 27.03 -15.74 15.38
N LYS B 115 27.93 -16.52 14.82
CA LYS B 115 28.42 -17.70 15.52
C LYS B 115 29.13 -17.37 16.83
N ARG B 116 29.94 -16.32 16.83
CA ARG B 116 30.62 -15.90 18.01
C ARG B 116 29.66 -15.40 19.10
N ILE B 117 28.65 -14.60 18.71
CA ILE B 117 27.69 -14.10 19.67
C ILE B 117 26.84 -15.25 20.19
N ALA B 118 26.45 -16.17 19.31
CA ALA B 118 25.69 -17.35 19.74
C ALA B 118 26.47 -18.20 20.77
N GLU B 119 27.75 -18.38 20.52
CA GLU B 119 28.66 -19.03 21.47
C GLU B 119 28.68 -18.28 22.81
N GLY B 120 28.76 -16.93 22.75
CA GLY B 120 28.78 -16.13 23.96
C GLY B 120 27.53 -16.24 24.80
N LEU B 121 26.39 -16.44 24.16
CA LEU B 121 25.11 -16.47 24.85
C LEU B 121 24.60 -17.90 25.02
N GLU B 122 25.46 -18.87 24.71
CA GLU B 122 25.13 -20.30 24.81
C GLU B 122 23.86 -20.66 24.03
N ALA B 123 23.80 -20.22 22.79
CA ALA B 123 22.61 -20.25 21.98
C ALA B 123 22.91 -20.91 20.64
N ASP B 124 21.87 -21.30 19.93
CA ASP B 124 21.95 -21.62 18.52
C ASP B 124 22.08 -20.34 17.68
N VAL B 125 22.76 -20.44 16.55
CA VAL B 125 22.95 -19.32 15.62
C VAL B 125 21.62 -18.82 15.11
N SER B 126 20.64 -19.71 14.99
CA SER B 126 19.32 -19.32 14.59
C SER B 126 18.62 -18.30 15.55
N GLN B 127 19.18 -18.09 16.73
CA GLN B 127 18.61 -17.16 17.73
C GLN B 127 19.32 -15.83 17.70
N VAL B 128 20.28 -15.67 16.78
CA VAL B 128 21.12 -14.52 16.71
C VAL B 128 21.01 -13.94 15.30
N ASN B 129 20.80 -12.64 15.23
CA ASN B 129 20.81 -11.93 13.98
C ASN B 129 21.68 -10.69 14.10
N VAL B 130 22.53 -10.49 13.08
CA VAL B 130 23.41 -9.33 12.99
C VAL B 130 23.20 -8.69 11.63
N LYS B 131 22.85 -7.42 11.66
CA LYS B 131 22.82 -6.62 10.45
C LYS B 131 23.71 -5.42 10.48
N ALA B 132 23.90 -4.84 9.31
CA ALA B 132 24.61 -3.58 9.17
C ALA B 132 23.84 -2.59 8.32
N THR B 133 24.02 -1.32 8.63
CA THR B 133 23.51 -0.27 7.80
C THR B 133 24.56 0.82 7.76
N THR B 134 24.52 1.61 6.70
CA THR B 134 25.23 2.89 6.71
C THR B 134 24.23 3.94 7.18
N THR B 135 24.69 5.17 7.28
CA THR B 135 23.79 6.31 7.43
C THR B 135 23.90 7.24 6.22
N GLU B 136 24.20 6.67 5.04
CA GLU B 136 24.15 7.39 3.76
C GLU B 136 25.07 8.59 3.80
N LYS B 137 26.22 8.42 4.43
CA LYS B 137 27.23 9.45 4.57
C LYS B 137 26.84 10.62 5.46
N LEU B 138 25.76 10.49 6.25
CA LEU B 138 25.35 11.51 7.19
C LEU B 138 25.80 11.22 8.61
N GLY B 139 26.12 12.29 9.34
CA GLY B 139 26.48 12.19 10.76
C GLY B 139 27.85 11.61 10.99
N PHE B 140 28.17 11.38 12.26
CA PHE B 140 29.53 10.93 12.61
C PHE B 140 29.84 9.55 12.03
N THR B 141 28.85 8.65 11.93
CA THR B 141 29.10 7.34 11.34
C THR B 141 29.28 7.47 9.83
N GLY B 142 28.51 8.37 9.22
CA GLY B 142 28.61 8.62 7.80
C GLY B 142 29.87 9.32 7.30
N ARG B 143 30.48 10.13 8.16
CA ARG B 143 31.82 10.65 7.90
C ARG B 143 32.96 9.73 8.40
N ALA B 144 32.63 8.48 8.76
CA ALA B 144 33.60 7.49 9.22
C ALA B 144 34.44 7.91 10.40
N GLU B 145 33.88 8.73 11.29
CA GLU B 145 34.56 9.10 12.53
C GLU B 145 34.44 8.01 13.58
N GLY B 146 33.37 7.21 13.49
CA GLY B 146 33.19 6.14 14.41
C GLY B 146 32.20 5.12 13.91
N ILE B 147 32.00 4.08 14.71
CA ILE B 147 31.04 3.02 14.46
C ILE B 147 30.17 2.89 15.67
N ALA B 148 28.86 2.80 15.41
CA ALA B 148 27.87 2.58 16.48
C ALA B 148 27.27 1.20 16.32
N ALA B 149 26.60 0.74 17.38
CA ALA B 149 25.84 -0.48 17.34
C ALA B 149 24.66 -0.42 18.26
N GLN B 150 23.64 -1.18 17.91
CA GLN B 150 22.41 -1.33 18.69
C GLN B 150 22.12 -2.79 18.79
N ALA B 151 21.47 -3.19 19.86
CA ALA B 151 20.99 -4.52 20.04
C ALA B 151 19.73 -4.50 20.86
N THR B 152 18.78 -5.36 20.51
CA THR B 152 17.61 -5.66 21.36
C THR B 152 17.58 -7.16 21.64
N VAL B 153 17.34 -7.52 22.89
CA VAL B 153 17.39 -8.93 23.28
C VAL B 153 16.10 -9.27 24.00
N LEU B 154 15.67 -10.50 23.82
CA LEU B 154 14.55 -11.05 24.56
C LEU B 154 15.10 -12.29 25.25
N ILE B 155 14.99 -12.30 26.58
CA ILE B 155 15.45 -13.44 27.39
C ILE B 155 14.24 -14.07 28.03
N GLN B 156 14.36 -15.34 28.41
CA GLN B 156 13.24 -16.11 28.93
C GLN B 156 13.71 -17.05 30.02
N LYS B 157 12.78 -17.36 30.92
CA LYS B 157 13.06 -18.29 32.02
C LYS B 157 13.48 -19.64 31.48
N GLY B 158 14.54 -20.18 32.05
CA GLY B 158 15.08 -21.47 31.62
C GLY B 158 16.40 -21.78 32.31
N MET C 1 -0.33 -12.50 26.84
CA MET C 1 -0.30 -11.33 25.93
C MET C 1 0.68 -10.31 26.50
N PHE C 2 1.66 -10.08 25.66
CA PHE C 2 2.77 -9.18 25.91
C PHE C 2 2.73 -8.17 24.79
N ARG C 3 3.20 -6.97 25.05
CA ARG C 3 3.36 -5.96 24.00
C ARG C 3 4.69 -5.26 24.25
N ILE C 4 5.32 -4.83 23.17
CA ILE C 4 6.59 -4.10 23.17
C ILE C 4 6.37 -2.65 22.78
N GLY C 5 7.19 -1.78 23.31
CA GLY C 5 7.27 -0.37 22.97
C GLY C 5 8.68 0.12 22.98
N GLN C 6 8.92 1.20 22.23
CA GLN C 6 10.23 1.78 22.09
C GLN C 6 10.07 3.29 22.09
N GLY C 7 10.98 3.99 22.75
CA GLY C 7 10.97 5.45 22.74
C GLY C 7 12.33 6.01 22.42
N PHE C 8 12.33 7.24 21.88
CA PHE C 8 13.55 7.97 21.57
C PHE C 8 13.19 9.46 21.72
N ASP C 9 14.05 10.20 22.40
CA ASP C 9 13.83 11.68 22.52
C ASP C 9 15.19 12.36 22.58
N VAL C 10 15.19 13.63 22.24
CA VAL C 10 16.37 14.49 22.30
C VAL C 10 15.91 15.88 22.80
N HIS C 11 16.63 16.42 23.76
CA HIS C 11 16.52 17.87 24.12
C HIS C 11 17.85 18.59 24.11
N GLN C 12 17.81 19.85 23.70
CA GLN C 12 19.01 20.71 23.76
C GLN C 12 19.46 20.98 25.19
N LEU C 13 20.78 21.02 25.40
CA LEU C 13 21.38 21.46 26.66
C LEU C 13 21.63 22.97 26.57
N VAL C 14 21.11 23.75 27.51
CA VAL C 14 21.26 25.21 27.48
C VAL C 14 21.49 25.81 28.87
N GLU C 15 22.06 27.02 28.87
CA GLU C 15 22.52 27.72 30.08
C GLU C 15 21.49 27.95 31.18
N GLY C 16 20.32 28.46 30.83
CA GLY C 16 19.44 29.00 31.88
C GLY C 16 18.38 28.07 32.45
N ARG C 17 18.67 26.77 32.54
CA ARG C 17 17.62 25.76 32.81
C ARG C 17 18.05 24.67 33.79
N PRO C 18 17.09 24.11 34.55
CA PRO C 18 17.43 22.96 35.41
C PRO C 18 17.61 21.66 34.57
N LEU C 19 18.52 20.79 35.02
CA LEU C 19 18.71 19.46 34.45
C LEU C 19 17.91 18.43 35.30
N ILE C 20 16.82 17.92 34.73
CA ILE C 20 15.98 16.89 35.37
C ILE C 20 15.90 15.70 34.40
N ILE C 21 16.44 14.58 34.82
CA ILE C 21 16.50 13.35 34.04
C ILE C 21 16.01 12.26 34.94
N GLY C 22 15.04 11.52 34.45
CA GLY C 22 14.48 10.41 35.17
C GLY C 22 13.76 10.83 36.42
N GLY C 23 13.24 12.05 36.40
CA GLY C 23 12.55 12.63 37.56
C GLY C 23 13.44 13.23 38.61
N ILE C 24 14.76 13.18 38.41
CA ILE C 24 15.77 13.50 39.43
C ILE C 24 16.50 14.79 38.97
N GLU C 25 16.53 15.83 39.81
CA GLU C 25 17.28 17.03 39.48
C GLU C 25 18.76 16.84 39.74
N ILE C 26 19.56 17.02 38.69
CA ILE C 26 21.00 16.88 38.80
C ILE C 26 21.58 18.30 38.93
N PRO C 27 22.44 18.53 39.96
CA PRO C 27 23.16 19.82 40.02
C PRO C 27 24.07 19.98 38.81
N TYR C 28 23.78 20.96 37.95
CA TYR C 28 24.57 21.18 36.74
C TYR C 28 24.38 22.58 36.19
N GLU C 29 25.37 23.03 35.43
CA GLU C 29 25.45 24.40 34.92
C GLU C 29 24.67 24.59 33.61
N LYS C 30 24.26 23.49 32.98
CA LYS C 30 23.31 23.50 31.87
C LYS C 30 22.09 22.65 32.26
N GLY C 31 20.96 22.89 31.61
CA GLY C 31 19.79 22.03 31.76
C GLY C 31 19.19 21.76 30.41
N LEU C 32 18.07 21.05 30.37
CA LEU C 32 17.40 20.77 29.08
C LEU C 32 16.31 21.78 28.77
N LEU C 33 16.29 22.21 27.52
CA LEU C 33 15.29 23.11 27.00
C LEU C 33 14.10 22.35 26.42
N GLY C 34 12.92 22.76 26.82
CA GLY C 34 11.67 22.30 26.23
C GLY C 34 10.52 23.12 26.80
N HIS C 35 9.30 22.81 26.34
CA HIS C 35 8.07 23.43 26.81
C HIS C 35 7.73 22.95 28.23
N SER C 36 7.85 21.65 28.47
CA SER C 36 7.70 21.09 29.81
C SER C 36 9.06 21.20 30.50
N ASP C 37 9.23 20.53 31.63
CA ASP C 37 10.56 20.39 32.26
C ASP C 37 11.67 19.73 31.39
N ALA C 38 11.31 19.19 30.22
CA ALA C 38 12.27 18.68 29.22
C ALA C 38 13.03 17.45 29.73
N ASP C 39 12.43 16.66 30.61
CA ASP C 39 13.08 15.47 31.15
C ASP C 39 13.08 14.41 30.02
N VAL C 40 14.16 14.39 29.27
CA VAL C 40 14.29 13.55 28.09
C VAL C 40 14.08 12.04 28.37
N LEU C 41 14.47 11.57 29.55
CA LEU C 41 14.33 10.17 29.89
C LEU C 41 12.88 9.80 30.23
N LEU C 42 12.19 10.61 31.03
CA LEU C 42 10.79 10.38 31.26
C LEU C 42 9.92 10.59 30.02
N HIS C 43 10.31 11.45 29.06
CA HIS C 43 9.53 11.57 27.84
C HIS C 43 9.68 10.27 26.99
N THR C 44 10.88 9.70 27.02
CA THR C 44 11.22 8.49 26.28
C THR C 44 10.50 7.29 26.91
N VAL C 45 10.45 7.23 28.24
CA VAL C 45 9.70 6.19 28.96
C VAL C 45 8.21 6.28 28.61
N ALA C 46 7.69 7.48 28.65
CA ALA C 46 6.29 7.76 28.35
C ALA C 46 5.98 7.35 26.92
N ASP C 47 6.83 7.76 25.98
CA ASP C 47 6.71 7.35 24.57
C ASP C 47 6.72 5.81 24.35
N ALA C 48 7.60 5.10 25.03
CA ALA C 48 7.67 3.64 24.90
C ALA C 48 6.35 3.03 25.39
N CYS C 49 5.82 3.52 26.52
CA CYS C 49 4.58 2.98 27.07
C CYS C 49 3.38 3.21 26.13
N LEU C 50 3.26 4.43 25.60
CA LEU C 50 2.16 4.75 24.74
C LEU C 50 2.22 3.92 23.47
N GLY C 51 3.45 3.82 22.95
CA GLY C 51 3.75 2.99 21.82
C GLY C 51 3.33 1.55 21.99
N ALA C 52 3.54 1.00 23.18
CA ALA C 52 3.26 -0.42 23.43
C ALA C 52 1.76 -0.70 23.35
N VAL C 53 0.92 0.29 23.69
CA VAL C 53 -0.51 0.11 23.63
C VAL C 53 -1.19 0.79 22.43
N GLY C 54 -0.42 1.22 21.45
CA GLY C 54 -0.99 1.76 20.22
C GLY C 54 -1.62 3.12 20.35
N GLU C 55 -1.16 3.92 21.30
CA GLU C 55 -1.78 5.23 21.60
C GLU C 55 -0.95 6.48 21.16
N GLY C 56 -0.07 6.29 20.18
CA GLY C 56 0.59 7.40 19.49
C GLY C 56 1.82 7.78 20.25
N ASP C 57 1.91 9.06 20.64
CA ASP C 57 3.05 9.62 21.34
C ASP C 57 2.68 10.80 22.26
N ILE C 58 3.65 11.25 23.07
CA ILE C 58 3.39 12.32 24.03
C ILE C 58 2.82 13.57 23.36
N GLY C 59 3.29 13.93 22.16
CA GLY C 59 2.75 15.04 21.39
C GLY C 59 1.26 14.96 21.09
N LYS C 60 0.75 13.75 20.86
CA LYS C 60 -0.68 13.59 20.69
C LYS C 60 -1.43 13.88 22.00
N HIS C 61 -0.85 13.51 23.14
CA HIS C 61 -1.56 13.63 24.42
C HIS C 61 -1.29 14.94 25.15
N PHE C 62 -0.10 15.51 24.98
CA PHE C 62 0.33 16.75 25.61
C PHE C 62 1.02 17.62 24.57
N PRO C 63 0.24 18.17 23.61
CA PRO C 63 0.89 18.98 22.54
C PRO C 63 1.50 20.29 23.08
N ASP C 64 2.53 20.81 22.40
CA ASP C 64 3.21 22.08 22.75
C ASP C 64 2.28 23.25 22.70
N THR C 65 1.48 23.30 21.64
CA THR C 65 0.56 24.41 21.41
C THR C 65 -0.35 24.70 22.61
N ASP C 66 -0.67 23.69 23.41
CA ASP C 66 -1.44 23.85 24.65
C ASP C 66 -0.54 24.22 25.86
N PRO C 67 -0.70 25.45 26.41
CA PRO C 67 0.12 25.80 27.59
C PRO C 67 -0.33 25.25 28.97
N GLU C 68 -1.15 24.19 29.02
CA GLU C 68 -1.14 23.26 30.19
C GLU C 68 0.18 22.48 30.28
N PHE C 69 0.71 22.07 29.12
CA PHE C 69 2.03 21.44 29.00
C PHE C 69 3.15 22.37 29.49
N LYS C 70 2.95 23.69 29.43
CA LYS C 70 4.02 24.64 29.76
C LYS C 70 4.53 24.42 31.19
N ASP C 71 5.84 24.20 31.31
CA ASP C 71 6.48 23.81 32.58
C ASP C 71 5.92 22.55 33.29
N ALA C 72 5.21 21.70 32.55
CA ALA C 72 4.71 20.43 33.11
C ALA C 72 5.80 19.54 33.76
N ASP C 73 5.42 18.89 34.84
CA ASP C 73 6.26 17.94 35.49
C ASP C 73 6.10 16.60 34.70
N SER C 74 7.17 16.14 34.08
CA SER C 74 7.11 14.93 33.26
C SER C 74 6.84 13.65 34.02
N PHE C 75 7.13 13.59 35.32
CA PHE C 75 6.69 12.48 36.16
C PHE C 75 5.16 12.38 36.23
N LYS C 76 4.51 13.53 36.32
CA LYS C 76 3.03 13.56 36.32
C LYS C 76 2.52 13.19 34.95
N LEU C 77 3.22 13.60 33.90
CA LEU C 77 2.84 13.18 32.56
C LEU C 77 2.95 11.67 32.42
N LEU C 78 4.06 11.10 32.89
CA LEU C 78 4.25 9.66 32.89
C LEU C 78 3.11 8.93 33.66
N GLN C 79 2.70 9.49 34.80
CA GLN C 79 1.62 8.89 35.54
C GLN C 79 0.34 8.87 34.74
N HIS C 80 0.04 9.96 34.04
CA HIS C 80 -1.11 9.99 33.18
C HIS C 80 -1.00 8.89 32.12
N VAL C 81 0.16 8.78 31.46
CA VAL C 81 0.40 7.72 30.47
C VAL C 81 0.20 6.34 31.08
N TRP C 82 0.77 6.11 32.24
CA TRP C 82 0.63 4.81 32.90
C TRP C 82 -0.86 4.47 33.17
N GLY C 83 -1.65 5.51 33.51
CA GLY C 83 -3.11 5.39 33.54
C GLY C 83 -3.74 4.82 32.28
N ILE C 84 -3.29 5.27 31.12
CA ILE C 84 -3.75 4.73 29.84
C ILE C 84 -3.40 3.24 29.68
N VAL C 85 -2.18 2.89 30.05
CA VAL C 85 -1.69 1.51 29.94
C VAL C 85 -2.55 0.60 30.86
N LYS C 86 -2.77 1.03 32.10
CA LYS C 86 -3.62 0.28 33.05
C LYS C 86 -5.05 0.04 32.53
N GLN C 87 -5.64 1.07 31.92
CA GLN C 87 -6.98 1.01 31.35
C GLN C 87 -7.06 -0.04 30.22
N LYS C 88 -5.95 -0.27 29.51
CA LYS C 88 -5.87 -1.31 28.49
C LYS C 88 -5.76 -2.70 29.06
N GLY C 89 -5.51 -2.84 30.35
CA GLY C 89 -5.43 -4.14 31.00
C GLY C 89 -4.00 -4.63 31.24
N TYR C 90 -2.99 -3.75 31.11
CA TYR C 90 -1.58 -4.12 31.26
C TYR C 90 -0.90 -3.61 32.55
N VAL C 91 0.13 -4.32 32.94
CA VAL C 91 1.13 -3.91 33.93
C VAL C 91 2.54 -4.05 33.31
N LEU C 92 3.55 -3.55 34.02
CA LEU C 92 4.89 -3.62 33.54
C LEU C 92 5.46 -5.05 33.65
N GLY C 93 6.11 -5.47 32.57
CA GLY C 93 7.04 -6.58 32.65
C GLY C 93 8.39 -6.05 33.09
N ASN C 94 9.08 -5.38 32.17
CA ASN C 94 10.33 -4.71 32.51
C ASN C 94 10.61 -3.60 31.51
N ILE C 95 11.47 -2.69 31.94
CA ILE C 95 11.92 -1.60 31.08
C ILE C 95 13.42 -1.45 31.14
N ASP C 96 14.00 -1.12 29.98
CA ASP C 96 15.40 -0.87 29.92
C ASP C 96 15.60 0.42 29.12
N CYS C 97 16.42 1.29 29.67
CA CYS C 97 16.59 2.66 29.20
C CYS C 97 18.04 3.00 29.09
N THR C 98 18.37 3.91 28.16
CA THR C 98 19.74 4.41 27.95
C THR C 98 19.71 5.95 27.85
N ILE C 99 20.49 6.63 28.70
CA ILE C 99 20.71 8.08 28.59
C ILE C 99 21.96 8.23 27.71
N ILE C 100 21.88 9.06 26.68
CA ILE C 100 23.05 9.30 25.78
C ILE C 100 23.50 10.73 25.97
N ALA C 101 24.62 10.90 26.68
CA ALA C 101 25.12 12.21 27.09
C ALA C 101 26.62 12.15 27.38
N GLN C 102 27.34 13.15 26.91
CA GLN C 102 28.77 13.20 27.16
C GLN C 102 28.99 13.50 28.64
N LYS C 103 28.22 14.47 29.13
CA LYS C 103 28.25 14.94 30.50
C LYS C 103 26.85 15.47 30.93
N PRO C 104 26.50 15.44 32.21
CA PRO C 104 27.34 14.96 33.31
C PRO C 104 27.36 13.48 33.38
N LYS C 105 28.19 12.99 34.29
CA LYS C 105 28.28 11.59 34.60
C LYS C 105 27.02 11.24 35.39
N MET C 106 26.24 10.31 34.85
CA MET C 106 24.93 9.99 35.40
C MET C 106 24.97 8.97 36.52
N LEU C 107 26.10 8.26 36.65
CA LEU C 107 26.22 7.07 37.54
C LEU C 107 25.75 7.29 38.99
N PRO C 108 26.09 8.43 39.62
CA PRO C 108 25.61 8.73 40.98
C PRO C 108 24.09 8.94 41.12
N TYR C 109 23.39 9.24 40.03
CA TYR C 109 21.95 9.50 40.07
C TYR C 109 21.11 8.32 39.62
N ILE C 110 21.76 7.28 39.07
CA ILE C 110 21.07 6.20 38.39
C ILE C 110 20.10 5.51 39.31
N GLU C 111 20.54 5.14 40.51
CA GLU C 111 19.67 4.39 41.41
C GLU C 111 18.40 5.16 41.79
N ASP C 112 18.51 6.48 41.91
CA ASP C 112 17.33 7.26 42.25
C ASP C 112 16.37 7.37 41.02
N MET C 113 16.91 7.39 39.80
CA MET C 113 16.05 7.40 38.57
C MET C 113 15.30 6.08 38.45
N ARG C 114 15.97 4.99 38.73
CA ARG C 114 15.32 3.70 38.73
C ARG C 114 14.13 3.63 39.70
N LYS C 115 14.31 4.17 40.92
CA LYS C 115 13.24 4.21 41.91
C LYS C 115 12.10 5.05 41.47
N ARG C 116 12.42 6.21 40.94
CA ARG C 116 11.41 7.12 40.48
C ARG C 116 10.59 6.57 39.31
N ILE C 117 11.28 6.05 38.28
CA ILE C 117 10.60 5.42 37.17
C ILE C 117 9.73 4.29 37.72
N ALA C 118 10.28 3.44 38.57
CA ALA C 118 9.52 2.32 39.10
C ALA C 118 8.23 2.76 39.81
N GLU C 119 8.29 3.90 40.48
CA GLU C 119 7.16 4.43 41.20
C GLU C 119 6.14 4.91 40.16
N GLY C 120 6.57 5.56 39.07
CA GLY C 120 5.66 5.99 38.05
C GLY C 120 5.02 4.85 37.26
N LEU C 121 5.71 3.70 37.14
CA LEU C 121 5.14 2.51 36.46
C LEU C 121 4.48 1.53 37.44
N GLU C 122 4.34 1.93 38.71
CA GLU C 122 3.79 1.06 39.78
C GLU C 122 4.45 -0.29 39.87
N ALA C 123 5.78 -0.29 39.89
CA ALA C 123 6.52 -1.52 39.75
C ALA C 123 7.62 -1.61 40.73
N ASP C 124 8.24 -2.75 40.78
CA ASP C 124 9.45 -2.92 41.58
C ASP C 124 10.69 -2.37 40.85
N VAL C 125 11.65 -1.87 41.62
CA VAL C 125 12.90 -1.40 41.09
C VAL C 125 13.64 -2.48 40.25
N SER C 126 13.51 -3.75 40.60
CA SER C 126 14.17 -4.82 39.84
C SER C 126 13.62 -4.95 38.38
N GLN C 127 12.48 -4.35 38.10
CA GLN C 127 11.93 -4.30 36.73
C GLN C 127 12.40 -3.12 35.87
N VAL C 128 13.22 -2.24 36.41
CA VAL C 128 13.62 -1.01 35.77
C VAL C 128 15.11 -0.95 35.74
N ASN C 129 15.67 -0.77 34.54
CA ASN C 129 17.08 -0.60 34.38
C ASN C 129 17.29 0.70 33.66
N VAL C 130 18.28 1.44 34.13
CA VAL C 130 18.69 2.66 33.51
C VAL C 130 20.19 2.57 33.35
N LYS C 131 20.69 2.92 32.17
CA LYS C 131 22.13 3.02 31.91
C LYS C 131 22.47 4.29 31.18
N ALA C 132 23.77 4.53 31.04
CA ALA C 132 24.27 5.73 30.38
C ALA C 132 25.47 5.39 29.50
N THR C 133 25.60 6.10 28.39
CA THR C 133 26.78 5.97 27.51
C THR C 133 27.06 7.35 26.92
N THR C 134 28.32 7.63 26.67
CA THR C 134 28.69 8.81 25.88
C THR C 134 28.72 8.33 24.41
N THR C 135 29.06 9.25 23.52
CA THR C 135 29.29 8.92 22.10
C THR C 135 30.73 9.29 21.78
N GLU C 136 31.60 9.21 22.78
CA GLU C 136 33.04 9.42 22.66
C GLU C 136 33.37 10.70 21.94
N LYS C 137 32.67 11.76 22.32
CA LYS C 137 32.84 13.07 21.75
C LYS C 137 32.41 13.21 20.30
N LEU C 138 31.62 12.28 19.80
CA LEU C 138 31.13 12.37 18.42
C LEU C 138 29.70 12.81 18.37
N GLY C 139 29.35 13.53 17.31
CA GLY C 139 27.96 13.91 17.08
C GLY C 139 27.52 15.00 18.02
N PHE C 140 26.24 15.32 17.99
CA PHE C 140 25.70 16.44 18.78
C PHE C 140 25.68 16.18 20.29
N THR C 141 25.57 14.90 20.68
CA THR C 141 25.62 14.53 22.07
C THR C 141 27.06 14.57 22.51
N GLY C 142 27.98 14.16 21.65
CA GLY C 142 29.41 14.28 21.92
C GLY C 142 29.97 15.68 22.16
N ARG C 143 29.45 16.67 21.43
CA ARG C 143 29.81 18.08 21.61
C ARG C 143 28.96 18.78 22.69
N ALA C 144 28.07 18.02 23.33
CA ALA C 144 27.29 18.47 24.48
C ALA C 144 26.29 19.55 24.09
N GLU C 145 25.84 19.46 22.83
CA GLU C 145 24.71 20.30 22.33
C GLU C 145 23.37 19.81 22.90
N GLY C 146 23.33 18.52 23.26
CA GLY C 146 22.09 17.95 23.78
C GLY C 146 22.23 16.59 24.42
N ILE C 147 21.11 16.11 24.96
CA ILE C 147 21.05 14.80 25.59
C ILE C 147 19.90 14.05 24.93
N ALA C 148 20.20 12.80 24.57
CA ALA C 148 19.23 11.87 24.04
C ALA C 148 18.97 10.71 25.00
N ALA C 149 17.87 10.03 24.73
CA ALA C 149 17.50 8.86 25.49
C ALA C 149 16.74 7.87 24.65
N GLN C 150 16.86 6.61 25.05
CA GLN C 150 16.15 5.52 24.43
C GLN C 150 15.56 4.62 25.49
N ALA C 151 14.41 4.04 25.22
CA ALA C 151 13.81 3.02 26.09
C ALA C 151 13.11 1.93 25.27
N THR C 152 13.17 0.71 25.78
CA THR C 152 12.36 -0.36 25.28
C THR C 152 11.63 -0.94 26.48
N VAL C 153 10.34 -1.23 26.32
CA VAL C 153 9.51 -1.66 27.41
C VAL C 153 8.76 -2.91 26.96
N LEU C 154 8.61 -3.84 27.90
CA LEU C 154 7.78 -4.98 27.73
C LEU C 154 6.68 -4.91 28.78
N ILE C 155 5.44 -4.90 28.31
CA ILE C 155 4.26 -4.93 29.18
C ILE C 155 3.49 -6.22 28.96
N GLN C 156 2.75 -6.63 29.99
CA GLN C 156 1.93 -7.83 29.98
C GLN C 156 0.62 -7.64 30.69
N LYS C 157 -0.35 -8.46 30.33
CA LYS C 157 -1.66 -8.44 30.95
C LYS C 157 -1.53 -8.65 32.46
N GLY C 158 -2.27 -7.84 33.22
CA GLY C 158 -2.37 -7.96 34.67
C GLY C 158 -3.13 -6.81 35.31
N MET D 1 -24.66 -19.56 -7.97
CA MET D 1 -23.81 -18.36 -7.68
C MET D 1 -22.87 -18.11 -8.85
N PHE D 2 -22.97 -16.85 -9.24
CA PHE D 2 -22.34 -16.27 -10.38
C PHE D 2 -21.65 -15.06 -9.84
N ARG D 3 -20.50 -14.75 -10.40
CA ARG D 3 -19.80 -13.50 -10.16
C ARG D 3 -19.36 -12.88 -11.47
N ILE D 4 -19.30 -11.55 -11.48
CA ILE D 4 -18.89 -10.74 -12.65
C ILE D 4 -17.58 -10.10 -12.40
N GLY D 5 -16.80 -9.95 -13.46
CA GLY D 5 -15.53 -9.22 -13.39
C GLY D 5 -15.39 -8.37 -14.63
N GLN D 6 -14.64 -7.28 -14.53
CA GLN D 6 -14.48 -6.39 -15.69
C GLN D 6 -13.02 -5.93 -15.73
N GLY D 7 -12.40 -5.97 -16.90
CA GLY D 7 -11.02 -5.56 -17.07
C GLY D 7 -10.90 -4.53 -18.12
N PHE D 8 -9.85 -3.73 -18.01
CA PHE D 8 -9.53 -2.69 -18.94
C PHE D 8 -8.04 -2.46 -18.86
N ASP D 9 -7.42 -2.27 -20.03
CA ASP D 9 -5.99 -1.99 -20.08
C ASP D 9 -5.65 -1.28 -21.39
N VAL D 10 -4.54 -0.54 -21.34
CA VAL D 10 -4.06 0.23 -22.45
C VAL D 10 -2.53 0.09 -22.47
N HIS D 11 -1.98 -0.21 -23.64
CA HIS D 11 -0.54 -0.20 -23.86
C HIS D 11 -0.21 0.69 -25.04
N GLN D 12 0.88 1.41 -24.89
CA GLN D 12 1.45 2.25 -25.94
C GLN D 12 1.95 1.40 -27.09
N LEU D 13 1.75 1.87 -28.31
CA LEU D 13 2.34 1.23 -29.48
C LEU D 13 3.68 1.90 -29.77
N VAL D 14 4.77 1.12 -29.90
CA VAL D 14 6.12 1.72 -30.21
C VAL D 14 6.84 0.92 -31.28
N GLU D 15 7.76 1.57 -32.00
CA GLU D 15 8.58 0.90 -33.04
C GLU D 15 9.52 -0.18 -32.49
N GLY D 16 9.87 -0.13 -31.22
CA GLY D 16 10.72 -1.20 -30.65
C GLY D 16 10.38 -2.71 -30.67
N ARG D 17 9.13 -3.13 -30.90
CA ARG D 17 8.65 -4.41 -30.29
C ARG D 17 7.68 -5.31 -31.09
N PRO D 18 7.60 -6.60 -30.74
CA PRO D 18 6.56 -7.42 -31.33
C PRO D 18 5.15 -6.98 -30.87
N LEU D 19 4.16 -7.36 -31.68
CA LEU D 19 2.77 -7.10 -31.40
C LEU D 19 2.15 -8.45 -31.13
N ILE D 20 1.84 -8.67 -29.86
CA ILE D 20 1.24 -9.91 -29.39
C ILE D 20 -0.10 -9.57 -28.71
N ILE D 21 -1.20 -10.14 -29.21
CA ILE D 21 -2.53 -9.88 -28.65
C ILE D 21 -3.31 -11.19 -28.60
N GLY D 22 -3.93 -11.49 -27.44
CA GLY D 22 -4.60 -12.72 -27.17
C GLY D 22 -3.68 -13.93 -27.28
N GLY D 23 -2.39 -13.73 -27.03
CA GLY D 23 -1.39 -14.80 -27.14
C GLY D 23 -0.99 -15.11 -28.58
N ILE D 24 -1.38 -14.26 -29.50
CA ILE D 24 -1.13 -14.45 -30.91
C ILE D 24 -0.23 -13.31 -31.39
N GLU D 25 0.84 -13.65 -32.12
CA GLU D 25 1.68 -12.59 -32.69
C GLU D 25 1.08 -12.10 -34.00
N ILE D 26 0.97 -10.81 -34.14
CA ILE D 26 0.36 -10.20 -35.30
C ILE D 26 1.46 -9.39 -35.99
N PRO D 27 1.70 -9.62 -37.30
CA PRO D 27 2.77 -8.88 -37.98
C PRO D 27 2.41 -7.41 -38.11
N TYR D 28 3.33 -6.55 -37.67
CA TYR D 28 3.11 -5.12 -37.71
C TYR D 28 4.41 -4.36 -37.49
N GLU D 29 4.47 -3.14 -38.01
CA GLU D 29 5.69 -2.29 -37.87
C GLU D 29 5.84 -1.61 -36.49
N LYS D 30 4.90 -1.86 -35.57
CA LYS D 30 4.98 -1.42 -34.18
C LYS D 30 4.46 -2.51 -33.27
N GLY D 31 4.86 -2.48 -32.01
CA GLY D 31 4.35 -3.43 -31.01
C GLY D 31 4.01 -2.69 -29.72
N LEU D 32 3.63 -3.43 -28.69
CA LEU D 32 3.15 -2.80 -27.45
C LEU D 32 4.24 -2.76 -26.38
N LEU D 33 4.22 -1.66 -25.63
CA LEU D 33 5.16 -1.42 -24.53
C LEU D 33 4.55 -1.88 -23.22
N GLY D 34 5.41 -2.46 -22.40
CA GLY D 34 5.07 -3.12 -21.12
C GLY D 34 6.36 -3.80 -20.69
N HIS D 35 6.46 -4.18 -19.41
CA HIS D 35 7.64 -4.90 -18.88
C HIS D 35 7.62 -6.38 -19.32
N SER D 36 6.40 -6.92 -19.44
CA SER D 36 6.12 -8.27 -19.96
C SER D 36 6.10 -8.28 -21.50
N ASP D 37 5.57 -9.34 -22.14
CA ASP D 37 5.24 -9.29 -23.57
C ASP D 37 4.18 -8.21 -23.97
N ALA D 38 3.53 -7.60 -22.98
CA ALA D 38 2.63 -6.45 -23.19
C ALA D 38 1.34 -6.83 -23.95
N ASP D 39 0.83 -8.03 -23.69
CA ASP D 39 -0.36 -8.55 -24.33
C ASP D 39 -1.57 -7.88 -23.65
N VAL D 40 -2.01 -6.77 -24.24
CA VAL D 40 -3.04 -5.97 -23.62
C VAL D 40 -4.34 -6.76 -23.44
N LEU D 41 -4.65 -7.68 -24.35
CA LEU D 41 -5.87 -8.54 -24.19
C LEU D 41 -5.78 -9.59 -23.12
N LEU D 42 -4.66 -10.31 -23.06
CA LEU D 42 -4.53 -11.24 -21.96
C LEU D 42 -4.45 -10.57 -20.60
N HIS D 43 -3.93 -9.34 -20.53
CA HIS D 43 -3.89 -8.60 -19.25
C HIS D 43 -5.29 -8.23 -18.76
N THR D 44 -6.12 -7.82 -19.70
CA THR D 44 -7.47 -7.42 -19.36
C THR D 44 -8.30 -8.61 -18.97
N VAL D 45 -8.08 -9.74 -19.61
CA VAL D 45 -8.74 -10.99 -19.26
C VAL D 45 -8.34 -11.41 -17.84
N ALA D 46 -7.05 -11.41 -17.59
CA ALA D 46 -6.56 -11.79 -16.27
C ALA D 46 -7.15 -10.84 -15.18
N ASP D 47 -7.17 -9.55 -15.45
CA ASP D 47 -7.72 -8.57 -14.47
C ASP D 47 -9.23 -8.76 -14.27
N ALA D 48 -9.97 -9.11 -15.33
CA ALA D 48 -11.38 -9.38 -15.18
C ALA D 48 -11.59 -10.60 -14.28
N CYS D 49 -10.80 -11.66 -14.48
CA CYS D 49 -10.90 -12.88 -13.64
C CYS D 49 -10.59 -12.65 -12.15
N LEU D 50 -9.49 -11.95 -11.88
CA LEU D 50 -9.15 -11.59 -10.49
C LEU D 50 -10.20 -10.65 -9.88
N GLY D 51 -10.70 -9.69 -10.67
CA GLY D 51 -11.74 -8.81 -10.18
C GLY D 51 -13.01 -9.53 -9.78
N ALA D 52 -13.35 -10.57 -10.54
CA ALA D 52 -14.54 -11.36 -10.26
C ALA D 52 -14.52 -12.07 -8.93
N VAL D 53 -13.34 -12.43 -8.43
CA VAL D 53 -13.20 -13.17 -7.15
C VAL D 53 -12.64 -12.29 -6.01
N GLY D 54 -12.65 -10.98 -6.17
CA GLY D 54 -12.20 -10.06 -5.15
C GLY D 54 -10.71 -10.08 -4.86
N GLU D 55 -9.87 -10.37 -5.85
CA GLU D 55 -8.42 -10.55 -5.63
C GLU D 55 -7.54 -9.44 -6.24
N GLY D 56 -8.09 -8.23 -6.35
CA GLY D 56 -7.37 -7.07 -6.83
C GLY D 56 -7.13 -7.02 -8.33
N ASP D 57 -5.86 -7.10 -8.71
CA ASP D 57 -5.44 -7.07 -10.10
C ASP D 57 -4.05 -7.73 -10.21
N ILE D 58 -3.54 -7.81 -11.43
CA ILE D 58 -2.26 -8.49 -11.72
C ILE D 58 -1.13 -7.93 -10.84
N GLY D 59 -1.11 -6.60 -10.70
CA GLY D 59 -0.12 -5.89 -9.86
C GLY D 59 0.04 -6.41 -8.44
N LYS D 60 -1.07 -6.80 -7.83
CA LYS D 60 -1.09 -7.37 -6.50
C LYS D 60 -0.44 -8.74 -6.43
N HIS D 61 -0.59 -9.56 -7.48
CA HIS D 61 -0.12 -10.95 -7.47
C HIS D 61 1.22 -11.23 -8.16
N PHE D 62 1.63 -10.39 -9.11
CA PHE D 62 2.84 -10.64 -9.91
C PHE D 62 3.69 -9.37 -9.96
N PRO D 63 4.40 -9.09 -8.85
CA PRO D 63 5.49 -8.11 -8.85
C PRO D 63 6.85 -8.81 -9.11
N ALA D 72 7.72 -13.88 -16.74
CA ALA D 72 6.79 -14.84 -17.30
C ALA D 72 5.94 -14.26 -18.47
N ASP D 73 5.42 -15.20 -19.26
CA ASP D 73 4.59 -14.95 -20.44
C ASP D 73 3.18 -14.47 -19.99
N SER D 74 2.44 -13.71 -20.81
CA SER D 74 1.10 -13.21 -20.36
C SER D 74 0.09 -14.35 -20.30
N PHE D 75 0.24 -15.35 -21.17
CA PHE D 75 -0.52 -16.59 -21.07
C PHE D 75 -0.30 -17.34 -19.75
N LYS D 76 0.97 -17.37 -19.34
CA LYS D 76 1.38 -17.99 -18.09
C LYS D 76 0.74 -17.23 -16.93
N LEU D 77 0.76 -15.90 -17.01
CA LEU D 77 0.10 -15.09 -15.99
C LEU D 77 -1.41 -15.40 -15.92
N LEU D 78 -2.05 -15.55 -17.08
CA LEU D 78 -3.47 -15.90 -17.10
C LEU D 78 -3.72 -17.27 -16.46
N GLN D 79 -2.87 -18.24 -16.80
CA GLN D 79 -2.95 -19.53 -16.10
C GLN D 79 -2.82 -19.45 -14.58
N HIS D 80 -1.88 -18.65 -14.08
CA HIS D 80 -1.74 -18.46 -12.62
C HIS D 80 -3.00 -17.76 -12.06
N VAL D 81 -3.53 -16.78 -12.77
CA VAL D 81 -4.81 -16.16 -12.30
C VAL D 81 -5.95 -17.18 -12.27
N TRP D 82 -6.04 -18.01 -13.30
CA TRP D 82 -7.13 -18.99 -13.34
C TRP D 82 -7.02 -20.00 -12.20
N GLY D 83 -5.79 -20.39 -11.85
CA GLY D 83 -5.57 -21.23 -10.64
C GLY D 83 -6.22 -20.61 -9.42
N ILE D 84 -6.08 -19.29 -9.26
CA ILE D 84 -6.69 -18.56 -8.14
C ILE D 84 -8.20 -18.66 -8.17
N VAL D 85 -8.77 -18.51 -9.38
CA VAL D 85 -10.23 -18.59 -9.56
C VAL D 85 -10.76 -20.00 -9.20
N LYS D 86 -10.12 -21.00 -9.77
CA LYS D 86 -10.43 -22.40 -9.43
C LYS D 86 -10.35 -22.66 -7.91
N GLN D 87 -9.36 -22.10 -7.24
CA GLN D 87 -9.21 -22.29 -5.78
C GLN D 87 -10.41 -21.73 -5.04
N LYS D 88 -11.03 -20.69 -5.57
CA LYS D 88 -12.24 -20.13 -4.96
C LYS D 88 -13.53 -20.94 -5.22
N GLY D 89 -13.45 -21.97 -6.07
CA GLY D 89 -14.57 -22.88 -6.37
C GLY D 89 -15.38 -22.51 -7.63
N TYR D 90 -14.79 -21.70 -8.51
CA TYR D 90 -15.42 -21.28 -9.74
C TYR D 90 -14.83 -21.83 -11.02
N VAL D 91 -15.70 -21.85 -12.04
CA VAL D 91 -15.41 -22.20 -13.44
C VAL D 91 -15.94 -21.07 -14.35
N LEU D 92 -15.53 -21.08 -15.61
CA LEU D 92 -15.94 -20.04 -16.53
C LEU D 92 -17.41 -20.22 -16.84
N GLY D 93 -18.19 -19.14 -16.81
CA GLY D 93 -19.50 -19.13 -17.50
C GLY D 93 -19.24 -18.72 -18.94
N ASN D 94 -18.95 -17.43 -19.16
CA ASN D 94 -18.47 -17.00 -20.44
C ASN D 94 -17.72 -15.69 -20.32
N ILE D 95 -17.03 -15.32 -21.37
CA ILE D 95 -16.29 -14.09 -21.43
C ILE D 95 -16.51 -13.40 -22.80
N ASP D 96 -16.56 -12.09 -22.77
CA ASP D 96 -16.71 -11.30 -23.97
C ASP D 96 -15.69 -10.12 -23.88
N CYS D 97 -14.92 -9.95 -24.95
CA CYS D 97 -13.75 -9.07 -24.96
C CYS D 97 -13.76 -8.20 -26.20
N THR D 98 -13.21 -6.98 -26.08
CA THR D 98 -13.11 -6.09 -27.17
C THR D 98 -11.70 -5.52 -27.21
N ILE D 99 -11.05 -5.63 -28.37
CA ILE D 99 -9.79 -4.97 -28.70
C ILE D 99 -10.16 -3.69 -29.41
N ILE D 100 -9.60 -2.59 -28.96
CA ILE D 100 -9.84 -1.24 -29.54
C ILE D 100 -8.52 -0.73 -30.16
N ALA D 101 -8.43 -0.79 -31.48
CA ALA D 101 -7.17 -0.50 -32.21
C ALA D 101 -7.56 0.04 -33.56
N GLN D 102 -6.82 1.05 -34.05
CA GLN D 102 -7.16 1.61 -35.33
C GLN D 102 -6.60 0.69 -36.40
N LYS D 103 -5.45 0.12 -36.13
CA LYS D 103 -4.91 -0.94 -36.95
C LYS D 103 -3.90 -1.67 -36.04
N PRO D 104 -3.39 -2.84 -36.43
CA PRO D 104 -3.72 -3.55 -37.68
C PRO D 104 -5.10 -4.19 -37.63
N LYS D 105 -5.48 -4.81 -38.75
CA LYS D 105 -6.72 -5.56 -38.79
C LYS D 105 -6.56 -6.83 -37.98
N MET D 106 -7.38 -6.98 -36.98
CA MET D 106 -7.30 -8.08 -36.04
C MET D 106 -8.07 -9.33 -36.51
N LEU D 107 -9.01 -9.15 -37.43
CA LEU D 107 -10.01 -10.16 -37.70
C LEU D 107 -9.43 -11.54 -38.06
N PRO D 108 -8.36 -11.60 -38.88
CA PRO D 108 -7.79 -12.95 -39.24
C PRO D 108 -7.22 -13.72 -38.06
N TYR D 109 -6.90 -13.02 -36.96
CA TYR D 109 -6.26 -13.59 -35.84
C TYR D 109 -7.24 -13.89 -34.67
N ILE D 110 -8.51 -13.47 -34.84
CA ILE D 110 -9.51 -13.60 -33.76
C ILE D 110 -9.74 -15.06 -33.36
N GLU D 111 -9.92 -15.96 -34.30
CA GLU D 111 -10.21 -17.36 -33.92
C GLU D 111 -9.08 -17.98 -33.13
N ASP D 112 -7.85 -17.69 -33.49
CA ASP D 112 -6.70 -18.15 -32.70
C ASP D 112 -6.68 -17.58 -31.29
N MET D 113 -7.05 -16.32 -31.17
CA MET D 113 -7.15 -15.65 -29.87
C MET D 113 -8.15 -16.34 -29.01
N ARG D 114 -9.33 -16.58 -29.55
CA ARG D 114 -10.40 -17.23 -28.77
C ARG D 114 -9.94 -18.59 -28.30
N LYS D 115 -9.22 -19.32 -29.15
CA LYS D 115 -8.72 -20.64 -28.72
C LYS D 115 -7.68 -20.57 -27.64
N ARG D 116 -6.79 -19.59 -27.70
CA ARG D 116 -5.79 -19.45 -26.68
C ARG D 116 -6.45 -19.08 -25.38
N ILE D 117 -7.36 -18.11 -25.41
CA ILE D 117 -8.06 -17.69 -24.19
C ILE D 117 -8.88 -18.85 -23.63
N ALA D 118 -9.59 -19.58 -24.48
CA ALA D 118 -10.33 -20.76 -24.00
C ALA D 118 -9.42 -21.76 -23.30
N GLU D 119 -8.24 -21.98 -23.85
CA GLU D 119 -7.28 -22.96 -23.26
C GLU D 119 -6.85 -22.47 -21.86
N GLY D 120 -6.48 -21.20 -21.75
CA GLY D 120 -6.18 -20.58 -20.48
C GLY D 120 -7.28 -20.59 -19.42
N LEU D 121 -8.54 -20.49 -19.81
CA LEU D 121 -9.66 -20.51 -18.85
C LEU D 121 -10.28 -21.91 -18.74
N GLU D 122 -9.56 -22.92 -19.23
CA GLU D 122 -10.02 -24.31 -19.28
C GLU D 122 -11.43 -24.44 -19.78
N ALA D 123 -11.76 -23.77 -20.89
CA ALA D 123 -13.14 -23.68 -21.36
C ALA D 123 -13.26 -24.13 -22.78
N ASP D 124 -14.50 -24.23 -23.28
CA ASP D 124 -14.79 -24.38 -24.72
C ASP D 124 -14.68 -23.03 -25.41
N VAL D 125 -14.30 -23.04 -26.69
CA VAL D 125 -14.25 -21.83 -27.51
C VAL D 125 -15.60 -21.07 -27.57
N SER D 126 -16.69 -21.84 -27.50
CA SER D 126 -18.06 -21.33 -27.53
C SER D 126 -18.38 -20.42 -26.31
N GLN D 127 -17.58 -20.50 -25.25
CA GLN D 127 -17.71 -19.63 -24.08
C GLN D 127 -16.86 -18.35 -24.18
N VAL D 128 -16.10 -18.17 -25.27
CA VAL D 128 -15.19 -17.06 -25.37
C VAL D 128 -15.48 -16.27 -26.61
N ASN D 129 -15.75 -14.97 -26.46
CA ASN D 129 -15.98 -14.09 -27.57
C ASN D 129 -14.89 -13.01 -27.59
N VAL D 130 -14.36 -12.73 -28.77
CA VAL D 130 -13.40 -11.62 -28.96
C VAL D 130 -13.86 -10.87 -30.16
N LYS D 131 -13.95 -9.57 -30.00
CA LYS D 131 -14.18 -8.67 -31.13
C LYS D 131 -13.19 -7.53 -31.17
N ALA D 132 -13.11 -6.86 -32.31
CA ALA D 132 -12.13 -5.83 -32.49
C ALA D 132 -12.90 -4.68 -33.05
N THR D 133 -12.59 -3.47 -32.58
CA THR D 133 -13.22 -2.29 -33.12
C THR D 133 -12.22 -1.14 -33.25
N THR D 134 -12.56 -0.14 -34.04
CA THR D 134 -11.78 1.09 -34.09
C THR D 134 -12.56 2.20 -33.39
N THR D 135 -11.95 3.35 -33.21
CA THR D 135 -12.63 4.52 -32.67
C THR D 135 -12.73 5.58 -33.78
N GLU D 136 -12.83 5.11 -35.02
CA GLU D 136 -12.97 5.97 -36.20
C GLU D 136 -11.92 7.10 -36.27
N LYS D 137 -10.69 6.79 -35.91
CA LYS D 137 -9.56 7.71 -35.88
C LYS D 137 -9.69 8.81 -34.81
N LEU D 138 -10.52 8.58 -33.80
CA LEU D 138 -10.61 9.49 -32.64
C LEU D 138 -9.86 8.96 -31.40
N GLY D 139 -9.29 9.88 -30.62
CA GLY D 139 -8.62 9.55 -29.36
C GLY D 139 -7.29 8.87 -29.57
N PHE D 140 -6.71 8.39 -28.48
CA PHE D 140 -5.34 7.89 -28.52
C PHE D 140 -5.26 6.61 -29.34
N THR D 141 -6.30 5.76 -29.29
CA THR D 141 -6.36 4.56 -30.14
C THR D 141 -6.54 4.95 -31.60
N GLY D 142 -7.40 5.92 -31.84
CA GLY D 142 -7.62 6.43 -33.21
C GLY D 142 -6.39 7.06 -33.84
N ARG D 143 -5.53 7.69 -33.05
CA ARG D 143 -4.23 8.20 -33.54
C ARG D 143 -3.11 7.16 -33.55
N ALA D 144 -3.43 5.89 -33.31
CA ALA D 144 -2.46 4.81 -33.28
C ALA D 144 -1.29 5.02 -32.32
N GLU D 145 -1.58 5.62 -31.17
CA GLU D 145 -0.61 5.82 -30.11
C GLU D 145 -0.62 4.65 -29.16
N GLY D 146 -1.72 3.88 -29.14
CA GLY D 146 -1.88 2.78 -28.23
C GLY D 146 -3.00 1.84 -28.64
N ILE D 147 -3.09 0.73 -27.94
CA ILE D 147 -4.18 -0.24 -28.17
C ILE D 147 -4.77 -0.51 -26.79
N ALA D 148 -6.10 -0.55 -26.75
CA ALA D 148 -6.79 -0.80 -25.53
C ALA D 148 -7.62 -2.06 -25.69
N ALA D 149 -8.02 -2.59 -24.54
CA ALA D 149 -8.91 -3.72 -24.48
C ALA D 149 -9.78 -3.64 -23.27
N GLN D 150 -10.94 -4.30 -23.36
CA GLN D 150 -11.81 -4.49 -22.22
C GLN D 150 -12.36 -5.90 -22.25
N ALA D 151 -12.66 -6.46 -21.10
CA ALA D 151 -13.25 -7.81 -21.03
C ALA D 151 -14.21 -7.86 -19.89
N THR D 152 -15.25 -8.66 -20.03
CA THR D 152 -16.30 -8.81 -19.04
C THR D 152 -16.48 -10.29 -18.91
N VAL D 153 -16.37 -10.82 -17.70
CA VAL D 153 -16.37 -12.24 -17.45
C VAL D 153 -17.50 -12.57 -16.47
N LEU D 154 -18.19 -13.68 -16.74
CA LEU D 154 -19.10 -14.28 -15.79
C LEU D 154 -18.57 -15.65 -15.41
N ILE D 155 -18.31 -15.84 -14.09
CA ILE D 155 -17.88 -17.11 -13.56
C ILE D 155 -19.02 -17.68 -12.77
N GLN D 156 -18.97 -19.00 -12.57
CA GLN D 156 -20.01 -19.68 -11.80
C GLN D 156 -19.42 -20.82 -10.97
N LYS D 157 -20.08 -21.17 -9.87
CA LYS D 157 -19.58 -22.26 -9.00
C LYS D 157 -19.50 -23.50 -9.83
N GLY D 158 -18.40 -24.23 -9.72
CA GLY D 158 -18.23 -25.44 -10.50
C GLY D 158 -16.92 -26.18 -10.28
N MET E 1 -32.78 -15.02 -9.97
CA MET E 1 -32.63 -13.88 -10.91
C MET E 1 -31.48 -13.00 -10.48
N PHE E 2 -30.72 -12.64 -11.49
CA PHE E 2 -29.54 -11.81 -11.38
C PHE E 2 -29.77 -10.66 -12.36
N ARG E 3 -29.21 -9.50 -12.04
CA ARG E 3 -29.23 -8.35 -12.92
C ARG E 3 -27.86 -7.71 -12.96
N ILE E 4 -27.53 -7.13 -14.11
CA ILE E 4 -26.22 -6.52 -14.34
C ILE E 4 -26.41 -5.01 -14.46
N GLY E 5 -25.42 -4.27 -14.02
CA GLY E 5 -25.38 -2.86 -14.24
C GLY E 5 -23.96 -2.41 -14.46
N GLN E 6 -23.82 -1.23 -15.07
CA GLN E 6 -22.50 -0.72 -15.43
C GLN E 6 -22.48 0.79 -15.24
N GLY E 7 -21.47 1.35 -14.60
CA GLY E 7 -21.36 2.77 -14.39
C GLY E 7 -20.07 3.26 -14.99
N PHE E 8 -20.09 4.50 -15.46
CA PHE E 8 -18.88 5.17 -15.96
C PHE E 8 -18.99 6.65 -15.59
N ASP E 9 -17.91 7.25 -15.10
CA ASP E 9 -17.88 8.68 -14.73
C ASP E 9 -16.45 9.21 -14.93
N VAL E 10 -16.37 10.53 -15.17
CA VAL E 10 -15.12 11.25 -15.40
C VAL E 10 -15.21 12.55 -14.60
N HIS E 11 -14.25 12.85 -13.72
CA HIS E 11 -14.17 14.18 -13.14
C HIS E 11 -12.87 14.90 -13.49
N GLN E 12 -12.99 16.21 -13.72
CA GLN E 12 -11.82 17.06 -13.88
C GLN E 12 -11.08 17.17 -12.57
N LEU E 13 -9.76 17.16 -12.67
CA LEU E 13 -8.91 17.48 -11.54
C LEU E 13 -8.66 18.99 -11.52
N VAL E 14 -9.12 19.69 -10.47
CA VAL E 14 -8.81 21.11 -10.26
C VAL E 14 -8.00 21.30 -8.98
N GLU E 15 -7.11 22.30 -8.97
CA GLU E 15 -6.31 22.59 -7.78
C GLU E 15 -7.10 23.03 -6.52
N GLY E 16 -8.28 23.62 -6.68
CA GLY E 16 -9.01 24.21 -5.54
C GLY E 16 -9.66 23.30 -4.49
N ARG E 17 -9.61 21.98 -4.68
CA ARG E 17 -10.50 21.04 -3.95
C ARG E 17 -9.78 19.80 -3.37
N PRO E 18 -10.40 19.15 -2.35
CA PRO E 18 -9.90 17.86 -1.83
C PRO E 18 -10.19 16.64 -2.78
N LEU E 19 -9.26 15.69 -2.87
CA LEU E 19 -9.47 14.44 -3.65
C LEU E 19 -10.12 13.38 -2.77
N ILE E 20 -11.37 13.04 -3.07
CA ILE E 20 -12.15 12.08 -2.32
C ILE E 20 -12.61 11.01 -3.32
N ILE E 21 -12.22 9.77 -3.03
CA ILE E 21 -12.46 8.66 -3.93
C ILE E 21 -12.82 7.44 -3.10
N GLY E 22 -13.94 6.81 -3.50
CA GLY E 22 -14.47 5.69 -2.82
C GLY E 22 -14.77 5.97 -1.36
N GLY E 23 -15.15 7.20 -1.07
CA GLY E 23 -15.49 7.63 0.28
C GLY E 23 -14.27 7.88 1.16
N ILE E 24 -13.07 7.92 0.58
CA ILE E 24 -11.82 7.97 1.37
C ILE E 24 -11.07 9.18 0.85
N GLU E 25 -10.62 10.06 1.75
CA GLU E 25 -9.84 11.24 1.35
C GLU E 25 -8.37 10.84 1.14
N ILE E 26 -7.80 11.32 0.04
CA ILE E 26 -6.46 10.98 -0.38
C ILE E 26 -5.68 12.30 -0.45
N PRO E 27 -4.61 12.43 0.38
CA PRO E 27 -3.71 13.58 0.36
C PRO E 27 -3.21 13.93 -1.04
N TYR E 28 -3.64 15.09 -1.55
CA TYR E 28 -3.21 15.52 -2.87
C TYR E 28 -3.36 17.04 -3.12
N GLU E 29 -2.60 17.52 -4.11
CA GLU E 29 -2.57 18.94 -4.52
C GLU E 29 -3.58 19.28 -5.63
N LYS E 30 -4.54 18.38 -5.86
CA LYS E 30 -5.76 18.67 -6.62
C LYS E 30 -6.91 17.87 -6.00
N GLY E 31 -8.12 18.15 -6.46
CA GLY E 31 -9.30 17.40 -6.09
C GLY E 31 -10.18 17.32 -7.31
N LEU E 32 -11.29 16.59 -7.20
CA LEU E 32 -12.19 16.39 -8.33
C LEU E 32 -13.31 17.42 -8.33
N LEU E 33 -13.62 17.94 -9.51
CA LEU E 33 -14.61 19.01 -9.66
C LEU E 33 -15.99 18.40 -9.90
N GLY E 34 -16.97 18.90 -9.15
CA GLY E 34 -18.33 18.38 -9.20
C GLY E 34 -19.18 19.11 -8.17
N HIS E 35 -20.48 19.06 -8.38
CA HIS E 35 -21.45 19.86 -7.61
C HIS E 35 -21.74 19.23 -6.25
N SER E 36 -21.61 17.89 -6.19
CA SER E 36 -21.47 17.17 -4.92
C SER E 36 -20.00 17.30 -4.40
N ASP E 37 -19.58 16.38 -3.53
CA ASP E 37 -18.13 16.17 -3.27
C ASP E 37 -17.35 15.56 -4.46
N ALA E 38 -18.06 15.18 -5.51
CA ALA E 38 -17.47 14.74 -6.76
C ALA E 38 -16.66 13.43 -6.59
N ASP E 39 -17.19 12.51 -5.82
CA ASP E 39 -16.51 11.22 -5.59
C ASP E 39 -16.79 10.39 -6.84
N VAL E 40 -15.80 10.34 -7.72
CA VAL E 40 -15.96 9.70 -9.01
C VAL E 40 -16.26 8.20 -8.90
N LEU E 41 -15.62 7.52 -7.96
CA LEU E 41 -15.87 6.08 -7.82
C LEU E 41 -17.26 5.81 -7.22
N LEU E 42 -17.63 6.51 -6.14
CA LEU E 42 -18.95 6.29 -5.57
C LEU E 42 -20.08 6.69 -6.51
N HIS E 43 -19.86 7.69 -7.37
CA HIS E 43 -20.82 8.00 -8.40
C HIS E 43 -20.98 6.89 -9.40
N THR E 44 -19.88 6.24 -9.79
CA THR E 44 -19.99 5.12 -10.77
C THR E 44 -20.62 3.91 -10.14
N VAL E 45 -20.34 3.64 -8.87
CA VAL E 45 -21.00 2.54 -8.16
C VAL E 45 -22.52 2.80 -8.13
N ALA E 46 -22.91 4.02 -7.74
CA ALA E 46 -24.31 4.36 -7.65
C ALA E 46 -25.03 4.23 -8.98
N ASP E 47 -24.40 4.70 -10.07
CA ASP E 47 -24.96 4.59 -11.42
C ASP E 47 -25.10 3.16 -11.90
N ALA E 48 -24.14 2.30 -11.60
CA ALA E 48 -24.23 0.87 -11.91
C ALA E 48 -25.37 0.18 -11.16
N CYS E 49 -25.54 0.50 -9.88
CA CYS E 49 -26.69 -0.03 -9.10
C CYS E 49 -28.04 0.38 -9.65
N LEU E 50 -28.19 1.64 -9.95
CA LEU E 50 -29.43 2.16 -10.54
C LEU E 50 -29.68 1.53 -11.89
N GLY E 51 -28.61 1.37 -12.66
CA GLY E 51 -28.70 0.74 -13.94
C GLY E 51 -29.18 -0.64 -13.89
N ALA E 52 -28.63 -1.42 -12.94
CA ALA E 52 -28.99 -2.79 -12.77
C ALA E 52 -30.53 -2.97 -12.53
N VAL E 53 -31.19 -2.00 -11.91
CA VAL E 53 -32.65 -2.11 -11.64
C VAL E 53 -33.52 -1.25 -12.55
N GLY E 54 -32.96 -0.73 -13.65
CA GLY E 54 -33.77 0.02 -14.60
C GLY E 54 -34.23 1.40 -14.12
N GLU E 55 -33.50 2.02 -13.20
CA GLU E 55 -33.91 3.30 -12.58
C GLU E 55 -33.09 4.50 -13.00
N GLY E 56 -32.46 4.39 -14.17
CA GLY E 56 -31.83 5.51 -14.83
C GLY E 56 -30.43 5.81 -14.35
N ASP E 57 -30.24 6.99 -13.77
CA ASP E 57 -28.96 7.40 -13.22
C ASP E 57 -29.21 8.33 -12.02
N ILE E 58 -28.15 8.75 -11.35
CA ILE E 58 -28.25 9.61 -10.13
C ILE E 58 -29.14 10.85 -10.32
N GLY E 59 -28.89 11.57 -11.42
CA GLY E 59 -29.66 12.76 -11.82
C GLY E 59 -31.18 12.63 -11.86
N LYS E 60 -31.68 11.44 -12.17
CA LYS E 60 -33.12 11.22 -12.19
C LYS E 60 -33.78 11.12 -10.80
N HIS E 61 -32.98 10.90 -9.74
CA HIS E 61 -33.50 10.87 -8.34
C HIS E 61 -32.89 11.92 -7.42
N PHE E 62 -31.66 12.36 -7.70
CA PHE E 62 -30.88 13.28 -6.82
C PHE E 62 -30.20 14.34 -7.70
N PRO E 63 -31.01 15.22 -8.35
CA PRO E 63 -30.54 16.11 -9.44
C PRO E 63 -29.46 17.14 -9.10
N ALA E 72 -25.57 16.44 1.02
CA ALA E 72 -25.29 15.02 0.81
C ALA E 72 -23.91 14.75 0.19
N ASP E 73 -23.06 14.07 0.94
CA ASP E 73 -21.83 13.48 0.40
C ASP E 73 -22.18 12.23 -0.42
N SER E 74 -21.26 11.74 -1.23
CA SER E 74 -21.57 10.70 -2.19
C SER E 74 -21.87 9.35 -1.57
N PHE E 75 -21.34 9.12 -0.38
CA PHE E 75 -21.70 7.98 0.41
C PHE E 75 -23.17 7.93 0.79
N LYS E 76 -23.70 9.09 1.15
CA LYS E 76 -25.10 9.17 1.54
C LYS E 76 -25.93 8.97 0.29
N LEU E 77 -25.57 9.58 -0.84
CA LEU E 77 -26.29 9.31 -2.10
C LEU E 77 -26.28 7.81 -2.43
N LEU E 78 -25.14 7.15 -2.24
CA LEU E 78 -25.07 5.73 -2.50
C LEU E 78 -26.04 4.94 -1.65
N GLN E 79 -26.14 5.28 -0.35
CA GLN E 79 -27.12 4.63 0.56
C GLN E 79 -28.54 4.75 0.06
N HIS E 80 -28.88 5.91 -0.43
CA HIS E 80 -30.19 6.14 -1.00
C HIS E 80 -30.44 5.37 -2.28
N VAL E 81 -29.41 5.26 -3.10
CA VAL E 81 -29.51 4.39 -4.26
C VAL E 81 -29.74 2.96 -3.84
N TRP E 82 -29.01 2.51 -2.83
CA TRP E 82 -29.09 1.13 -2.46
C TRP E 82 -30.46 0.80 -1.84
N GLY E 83 -31.06 1.79 -1.18
CA GLY E 83 -32.46 1.66 -0.74
C GLY E 83 -33.41 1.36 -1.90
N ILE E 84 -33.17 1.96 -3.06
CA ILE E 84 -33.96 1.68 -4.26
C ILE E 84 -33.76 0.24 -4.73
N VAL E 85 -32.50 -0.21 -4.78
CA VAL E 85 -32.18 -1.56 -5.17
C VAL E 85 -32.87 -2.57 -4.25
N LYS E 86 -32.68 -2.38 -2.96
CA LYS E 86 -33.32 -3.25 -1.95
C LYS E 86 -34.85 -3.31 -2.08
N GLN E 87 -35.48 -2.16 -2.28
CA GLN E 87 -36.93 -2.09 -2.50
C GLN E 87 -37.40 -3.03 -3.59
N LYS E 88 -36.63 -3.13 -4.68
CA LYS E 88 -36.95 -4.02 -5.83
C LYS E 88 -36.69 -5.47 -5.53
N GLY E 89 -36.14 -5.80 -4.37
CA GLY E 89 -36.00 -7.18 -3.94
C GLY E 89 -34.60 -7.75 -4.09
N TYR E 90 -33.57 -6.91 -4.32
CA TYR E 90 -32.21 -7.39 -4.59
C TYR E 90 -31.23 -7.09 -3.49
N VAL E 91 -30.17 -7.90 -3.47
CA VAL E 91 -28.98 -7.72 -2.65
C VAL E 91 -27.75 -7.81 -3.56
N LEU E 92 -26.58 -7.49 -3.02
CA LEU E 92 -25.34 -7.54 -3.82
C LEU E 92 -24.96 -8.96 -4.12
N GLY E 93 -24.64 -9.28 -5.37
CA GLY E 93 -23.82 -10.45 -5.68
C GLY E 93 -22.38 -10.04 -5.53
N ASN E 94 -21.86 -9.22 -6.45
CA ASN E 94 -20.49 -8.72 -6.36
C ASN E 94 -20.33 -7.50 -7.23
N ILE E 95 -19.32 -6.74 -6.95
CA ILE E 95 -19.04 -5.56 -7.77
C ILE E 95 -17.57 -5.51 -8.04
N ASP E 96 -17.21 -5.17 -9.28
CA ASP E 96 -15.81 -4.96 -9.69
C ASP E 96 -15.67 -3.54 -10.25
N CYS E 97 -14.77 -2.77 -9.67
CA CYS E 97 -14.57 -1.33 -9.99
C CYS E 97 -13.16 -1.04 -10.41
N THR E 98 -13.01 -0.08 -11.32
CA THR E 98 -11.70 0.36 -11.76
C THR E 98 -11.62 1.87 -11.68
N ILE E 99 -10.56 2.36 -11.03
CA ILE E 99 -10.17 3.77 -11.08
C ILE E 99 -9.04 3.95 -12.11
N ILE E 100 -9.23 4.89 -13.02
CA ILE E 100 -8.29 5.21 -14.09
C ILE E 100 -7.71 6.62 -13.76
N ALA E 101 -6.45 6.64 -13.33
CA ALA E 101 -5.78 7.86 -12.91
C ALA E 101 -4.29 7.68 -13.15
N GLN E 102 -3.63 8.76 -13.58
CA GLN E 102 -2.20 8.69 -13.82
C GLN E 102 -1.54 8.85 -12.47
N LYS E 103 -2.10 9.73 -11.65
CA LYS E 103 -1.72 9.88 -10.25
C LYS E 103 -2.90 10.53 -9.49
N PRO E 104 -2.94 10.50 -8.16
CA PRO E 104 -1.93 9.96 -7.28
C PRO E 104 -1.96 8.45 -7.16
N LYS E 105 -1.11 7.98 -6.26
CA LYS E 105 -1.04 6.60 -5.92
C LYS E 105 -2.28 6.24 -5.07
N MET E 106 -3.08 5.33 -5.60
CA MET E 106 -4.33 4.92 -4.99
C MET E 106 -4.13 3.77 -4.05
N LEU E 107 -3.08 2.98 -4.29
CA LEU E 107 -2.96 1.66 -3.70
C LEU E 107 -3.11 1.61 -2.17
N PRO E 108 -2.54 2.61 -1.44
CA PRO E 108 -2.63 2.51 0.03
C PRO E 108 -4.04 2.73 0.56
N TYR E 109 -4.93 3.24 -0.30
CA TYR E 109 -6.28 3.59 0.07
C TYR E 109 -7.36 2.62 -0.40
N ILE E 110 -6.97 1.63 -1.19
CA ILE E 110 -7.89 0.68 -1.83
C ILE E 110 -8.66 -0.11 -0.79
N GLU E 111 -7.96 -0.63 0.20
CA GLU E 111 -8.67 -1.43 1.20
C GLU E 111 -9.73 -0.62 1.94
N ASP E 112 -9.45 0.64 2.26
CA ASP E 112 -10.49 1.47 2.88
C ASP E 112 -11.71 1.74 1.94
N MET E 113 -11.45 1.91 0.64
CA MET E 113 -12.55 2.10 -0.33
C MET E 113 -13.43 0.86 -0.39
N ARG E 114 -12.80 -0.31 -0.41
CA ARG E 114 -13.55 -1.55 -0.50
C ARG E 114 -14.47 -1.68 0.70
N LYS E 115 -13.94 -1.42 1.91
CA LYS E 115 -14.77 -1.43 3.11
C LYS E 115 -15.89 -0.38 3.13
N ARG E 116 -15.61 0.83 2.65
CA ARG E 116 -16.64 1.86 2.51
C ARG E 116 -17.73 1.45 1.49
N ILE E 117 -17.31 0.89 0.34
CA ILE E 117 -18.28 0.45 -0.64
C ILE E 117 -19.11 -0.69 -0.06
N ALA E 118 -18.45 -1.68 0.57
CA ALA E 118 -19.13 -2.83 1.16
C ALA E 118 -20.18 -2.37 2.17
N GLU E 119 -19.83 -1.35 2.95
CA GLU E 119 -20.75 -0.81 3.96
C GLU E 119 -22.02 -0.18 3.29
N GLY E 120 -21.81 0.66 2.28
CA GLY E 120 -22.93 1.24 1.56
C GLY E 120 -23.82 0.25 0.80
N LEU E 121 -23.26 -0.89 0.39
CA LEU E 121 -24.01 -1.92 -0.33
C LEU E 121 -24.49 -3.02 0.60
N GLU E 122 -24.30 -2.84 1.90
CA GLU E 122 -24.66 -3.82 2.94
C GLU E 122 -24.10 -5.18 2.70
N ALA E 123 -22.81 -5.23 2.41
CA ALA E 123 -22.24 -6.47 1.93
C ALA E 123 -20.95 -6.76 2.67
N ASP E 124 -20.33 -7.91 2.42
CA ASP E 124 -18.98 -8.19 2.88
C ASP E 124 -17.94 -7.61 1.90
N VAL E 125 -16.76 -7.32 2.44
CA VAL E 125 -15.60 -6.85 1.66
C VAL E 125 -15.19 -7.82 0.55
N SER E 126 -15.39 -9.11 0.76
CA SER E 126 -15.09 -10.10 -0.24
C SER E 126 -15.95 -10.02 -1.51
N GLN E 127 -17.07 -9.28 -1.47
CA GLN E 127 -17.93 -9.13 -2.63
C GLN E 127 -17.57 -7.86 -3.41
N VAL E 128 -16.59 -7.09 -2.94
CA VAL E 128 -16.22 -5.84 -3.53
C VAL E 128 -14.77 -5.85 -4.02
N ASN E 129 -14.55 -5.51 -5.30
CA ASN E 129 -13.18 -5.37 -5.85
C ASN E 129 -12.99 -3.97 -6.36
N VAL E 130 -11.85 -3.39 -6.00
CA VAL E 130 -11.47 -2.10 -6.51
C VAL E 130 -10.04 -2.23 -7.00
N LYS E 131 -9.81 -1.76 -8.21
CA LYS E 131 -8.44 -1.69 -8.76
C LYS E 131 -8.18 -0.31 -9.36
N ALA E 132 -6.90 0.04 -9.43
CA ALA E 132 -6.45 1.33 -9.98
C ALA E 132 -5.51 1.04 -11.13
N THR E 133 -5.70 1.69 -12.27
CA THR E 133 -4.85 1.49 -13.46
C THR E 133 -4.61 2.85 -14.12
N THR E 134 -3.57 2.90 -14.96
CA THR E 134 -3.29 4.10 -15.77
C THR E 134 -3.55 3.78 -17.25
N THR E 135 -3.59 4.82 -18.08
CA THR E 135 -3.60 4.69 -19.55
C THR E 135 -2.18 4.94 -20.16
N GLU E 136 -1.12 4.70 -19.37
CA GLU E 136 0.29 4.87 -19.81
C GLU E 136 0.53 6.24 -20.48
N LYS E 137 0.06 7.30 -19.81
CA LYS E 137 0.20 8.69 -20.25
C LYS E 137 -0.55 9.09 -21.52
N LEU E 138 -1.46 8.24 -22.00
CA LEU E 138 -2.26 8.50 -23.20
C LEU E 138 -3.64 9.02 -22.85
N GLY E 139 -4.19 9.90 -23.69
CA GLY E 139 -5.52 10.49 -23.45
C GLY E 139 -5.58 11.51 -22.30
N PHE E 140 -6.79 11.93 -21.92
CA PHE E 140 -6.97 12.96 -20.87
C PHE E 140 -6.63 12.48 -19.44
N THR E 141 -6.95 11.22 -19.14
CA THR E 141 -6.47 10.59 -17.89
C THR E 141 -4.92 10.54 -17.86
N GLY E 142 -4.33 10.21 -19.01
CA GLY E 142 -2.87 10.15 -19.20
C GLY E 142 -2.13 11.45 -18.96
N ARG E 143 -2.73 12.54 -19.42
CA ARG E 143 -2.21 13.89 -19.21
C ARG E 143 -2.59 14.48 -17.82
N ALA E 144 -3.27 13.68 -16.98
CA ALA E 144 -3.70 14.10 -15.62
C ALA E 144 -4.68 15.30 -15.65
N GLU E 145 -5.51 15.35 -16.69
CA GLU E 145 -6.58 16.33 -16.78
C GLU E 145 -7.74 15.90 -15.91
N GLY E 146 -7.92 14.59 -15.74
CA GLY E 146 -9.02 14.08 -14.95
C GLY E 146 -8.81 12.65 -14.53
N ILE E 147 -9.80 12.13 -13.80
CA ILE E 147 -9.81 10.78 -13.26
C ILE E 147 -11.12 10.16 -13.73
N ALA E 148 -11.05 8.89 -14.11
CA ALA E 148 -12.21 8.16 -14.55
C ALA E 148 -12.40 6.95 -13.67
N ALA E 149 -13.63 6.44 -13.68
CA ALA E 149 -13.94 5.22 -12.98
C ALA E 149 -15.00 4.44 -13.75
N GLN E 150 -14.94 3.13 -13.58
CA GLN E 150 -15.87 2.23 -14.21
C GLN E 150 -16.27 1.26 -13.12
N ALA E 151 -17.53 0.83 -13.10
CA ALA E 151 -17.95 -0.22 -12.17
C ALA E 151 -18.95 -1.13 -12.84
N THR E 152 -18.84 -2.43 -12.59
CA THR E 152 -19.84 -3.37 -13.05
C THR E 152 -20.32 -4.16 -11.86
N VAL E 153 -21.64 -4.29 -11.73
CA VAL E 153 -22.25 -4.87 -10.55
C VAL E 153 -23.17 -6.00 -10.97
N LEU E 154 -23.12 -7.13 -10.25
CA LEU E 154 -24.11 -8.17 -10.37
C LEU E 154 -24.92 -8.22 -9.07
N ILE E 155 -26.21 -8.03 -9.18
CA ILE E 155 -27.15 -8.11 -8.03
C ILE E 155 -27.99 -9.37 -8.20
N GLN E 156 -28.56 -9.85 -7.11
CA GLN E 156 -29.35 -11.06 -7.12
C GLN E 156 -30.53 -10.93 -6.17
N LYS E 157 -31.58 -11.67 -6.44
CA LYS E 157 -32.78 -11.60 -5.61
C LYS E 157 -32.45 -11.99 -4.19
N GLY E 158 -32.98 -11.25 -3.22
CA GLY E 158 -32.59 -11.47 -1.82
C GLY E 158 -33.30 -10.54 -0.84
N MET F 1 -28.70 -20.99 -16.73
CA MET F 1 -27.50 -20.38 -17.30
C MET F 1 -27.86 -18.95 -17.63
N PHE F 2 -26.83 -18.16 -17.39
CA PHE F 2 -26.82 -16.77 -17.70
C PHE F 2 -25.58 -16.61 -18.52
N ARG F 3 -25.59 -15.65 -19.45
CA ARG F 3 -24.40 -15.25 -20.14
C ARG F 3 -24.33 -13.73 -20.15
N ILE F 4 -23.11 -13.22 -20.17
CA ILE F 4 -22.82 -11.76 -20.21
C ILE F 4 -22.25 -11.37 -21.57
N GLY F 5 -22.53 -10.13 -21.99
CA GLY F 5 -21.99 -9.55 -23.21
C GLY F 5 -21.73 -8.05 -23.00
N GLN F 6 -20.76 -7.52 -23.70
CA GLN F 6 -20.44 -6.11 -23.55
C GLN F 6 -20.17 -5.54 -24.91
N GLY F 7 -20.76 -4.37 -25.16
CA GLY F 7 -20.67 -3.74 -26.47
C GLY F 7 -19.97 -2.39 -26.28
N PHE F 8 -19.15 -1.99 -27.24
CA PHE F 8 -18.55 -0.65 -27.25
C PHE F 8 -18.52 -0.13 -28.68
N ASP F 9 -18.99 1.09 -28.90
CA ASP F 9 -18.86 1.68 -30.24
C ASP F 9 -18.60 3.18 -30.16
N VAL F 10 -18.00 3.72 -31.21
CA VAL F 10 -17.70 5.15 -31.36
C VAL F 10 -18.08 5.57 -32.78
N HIS F 11 -18.80 6.70 -32.94
CA HIS F 11 -19.06 7.29 -34.25
C HIS F 11 -18.68 8.76 -34.25
N GLN F 12 -18.07 9.17 -35.34
CA GLN F 12 -17.81 10.58 -35.63
C GLN F 12 -19.08 11.41 -35.82
N LEU F 13 -19.07 12.58 -35.20
CA LEU F 13 -20.11 13.58 -35.40
C LEU F 13 -19.63 14.49 -36.54
N VAL F 14 -20.47 14.65 -37.55
CA VAL F 14 -20.15 15.51 -38.70
C VAL F 14 -21.38 16.33 -39.07
N GLU F 15 -21.17 17.48 -39.71
CA GLU F 15 -22.29 18.32 -40.20
C GLU F 15 -23.06 17.60 -41.32
N GLY F 16 -24.36 17.85 -41.39
CA GLY F 16 -25.18 17.36 -42.50
C GLY F 16 -25.33 15.87 -42.58
N ARG F 17 -25.62 15.27 -41.42
CA ARG F 17 -26.06 13.89 -41.31
C ARG F 17 -27.19 13.85 -40.30
N PRO F 18 -28.10 12.88 -40.44
CA PRO F 18 -29.02 12.72 -39.32
C PRO F 18 -28.31 12.12 -38.09
N LEU F 19 -28.67 12.57 -36.90
CA LEU F 19 -28.33 11.94 -35.61
C LEU F 19 -29.46 11.01 -35.12
N ILE F 20 -29.22 9.70 -35.20
CA ILE F 20 -30.13 8.67 -34.76
C ILE F 20 -29.44 7.91 -33.62
N ILE F 21 -30.06 7.85 -32.46
CA ILE F 21 -29.50 7.11 -31.31
C ILE F 21 -30.58 6.31 -30.63
N GLY F 22 -30.29 5.01 -30.44
CA GLY F 22 -31.23 4.05 -29.87
C GLY F 22 -32.53 3.99 -30.66
N GLY F 23 -32.43 4.15 -31.97
CA GLY F 23 -33.58 4.06 -32.84
C GLY F 23 -34.41 5.33 -32.84
N ILE F 24 -33.90 6.43 -32.28
CA ILE F 24 -34.68 7.67 -32.10
C ILE F 24 -33.94 8.79 -32.79
N GLU F 25 -34.66 9.53 -33.62
CA GLU F 25 -34.09 10.67 -34.33
C GLU F 25 -33.98 11.87 -33.41
N ILE F 26 -32.81 12.50 -33.44
CA ILE F 26 -32.50 13.59 -32.50
C ILE F 26 -32.23 14.86 -33.30
N PRO F 27 -33.13 15.87 -33.20
CA PRO F 27 -32.91 17.19 -33.77
C PRO F 27 -31.59 17.78 -33.32
N TYR F 28 -30.63 17.83 -34.24
CA TYR F 28 -29.33 18.39 -33.95
C TYR F 28 -28.65 18.78 -35.25
N GLU F 29 -27.72 19.74 -35.15
CA GLU F 29 -27.00 20.27 -36.33
C GLU F 29 -25.76 19.43 -36.79
N LYS F 30 -25.53 18.28 -36.14
CA LYS F 30 -24.54 17.29 -36.57
C LYS F 30 -25.21 15.91 -36.51
N GLY F 31 -24.65 14.94 -37.22
CA GLY F 31 -25.17 13.55 -37.24
C GLY F 31 -24.01 12.61 -37.20
N LEU F 32 -24.29 11.32 -37.10
CA LEU F 32 -23.22 10.31 -36.98
C LEU F 32 -22.83 9.70 -38.33
N LEU F 33 -21.52 9.59 -38.49
CA LEU F 33 -20.92 8.82 -39.57
C LEU F 33 -20.82 7.36 -39.08
N GLY F 34 -21.26 6.41 -39.90
CA GLY F 34 -21.08 4.99 -39.56
C GLY F 34 -21.81 4.03 -40.47
N HIS F 35 -21.92 2.78 -40.01
CA HIS F 35 -22.60 1.71 -40.74
C HIS F 35 -24.12 1.98 -40.77
N SER F 36 -24.71 2.01 -41.97
CA SER F 36 -26.18 2.19 -42.15
C SER F 36 -26.66 3.60 -41.69
N ASP F 37 -27.63 3.67 -40.77
CA ASP F 37 -27.99 4.95 -40.08
C ASP F 37 -27.03 5.39 -38.97
N ALA F 38 -25.90 4.70 -38.80
CA ALA F 38 -24.90 5.09 -37.82
C ALA F 38 -25.48 5.26 -36.40
N ASP F 39 -26.32 4.34 -35.98
CA ASP F 39 -26.93 4.39 -34.65
C ASP F 39 -25.97 3.73 -33.67
N VAL F 40 -25.11 4.56 -33.09
CA VAL F 40 -24.05 4.12 -32.19
C VAL F 40 -24.57 3.27 -31.01
N LEU F 41 -25.74 3.59 -30.48
CA LEU F 41 -26.28 2.82 -29.36
C LEU F 41 -26.81 1.45 -29.79
N LEU F 42 -27.63 1.42 -30.82
CA LEU F 42 -28.15 0.14 -31.32
C LEU F 42 -27.05 -0.81 -31.80
N HIS F 43 -25.97 -0.25 -32.37
CA HIS F 43 -24.77 -1.04 -32.72
C HIS F 43 -24.13 -1.67 -31.51
N THR F 44 -24.06 -0.87 -30.46
CA THR F 44 -23.52 -1.29 -29.17
C THR F 44 -24.35 -2.39 -28.50
N VAL F 45 -25.66 -2.26 -28.53
CA VAL F 45 -26.58 -3.27 -28.01
C VAL F 45 -26.43 -4.57 -28.83
N ALA F 46 -26.44 -4.43 -30.16
CA ALA F 46 -26.29 -5.60 -31.06
C ALA F 46 -24.98 -6.37 -30.81
N ASP F 47 -23.89 -5.62 -30.67
CA ASP F 47 -22.58 -6.24 -30.36
C ASP F 47 -22.51 -6.89 -28.96
N ALA F 48 -23.14 -6.28 -27.96
CA ALA F 48 -23.23 -6.90 -26.65
C ALA F 48 -24.00 -8.22 -26.74
N CYS F 49 -25.10 -8.24 -27.47
CA CYS F 49 -25.90 -9.46 -27.61
C CYS F 49 -25.14 -10.61 -28.31
N LEU F 50 -24.53 -10.27 -29.44
CA LEU F 50 -23.76 -11.22 -30.19
C LEU F 50 -22.61 -11.72 -29.35
N GLY F 51 -21.97 -10.81 -28.61
CA GLY F 51 -20.89 -11.13 -27.70
C GLY F 51 -21.30 -12.13 -26.66
N ALA F 52 -22.48 -11.96 -26.06
CA ALA F 52 -22.95 -12.89 -25.05
C ALA F 52 -23.13 -14.33 -25.52
N VAL F 53 -23.49 -14.54 -26.78
CA VAL F 53 -23.66 -15.90 -27.28
C VAL F 53 -22.48 -16.36 -28.07
N GLY F 54 -21.37 -15.64 -28.05
CA GLY F 54 -20.17 -16.07 -28.73
C GLY F 54 -20.21 -16.00 -30.24
N GLU F 55 -20.95 -15.04 -30.80
CA GLU F 55 -21.12 -14.95 -32.25
C GLU F 55 -20.42 -13.76 -32.91
N GLY F 56 -19.32 -13.29 -32.33
CA GLY F 56 -18.49 -12.30 -32.93
C GLY F 56 -19.05 -10.89 -32.76
N ASP F 57 -19.34 -10.25 -33.88
CA ASP F 57 -19.84 -8.86 -33.90
C ASP F 57 -20.71 -8.65 -35.14
N ILE F 58 -21.32 -7.48 -35.27
CA ILE F 58 -22.25 -7.18 -36.37
C ILE F 58 -21.58 -7.45 -37.71
N GLY F 59 -20.34 -6.96 -37.86
CA GLY F 59 -19.47 -7.21 -39.04
C GLY F 59 -19.39 -8.64 -39.54
N LYS F 60 -19.47 -9.62 -38.64
CA LYS F 60 -19.45 -11.04 -39.02
C LYS F 60 -20.71 -11.56 -39.72
N HIS F 61 -21.89 -10.98 -39.48
CA HIS F 61 -23.17 -11.57 -39.92
C HIS F 61 -23.99 -10.80 -40.96
N PHE F 62 -23.78 -9.50 -41.10
CA PHE F 62 -24.67 -8.72 -41.95
C PHE F 62 -23.86 -7.91 -42.94
N PRO F 63 -23.22 -8.64 -43.88
CA PRO F 63 -22.39 -7.98 -44.86
C PRO F 63 -23.25 -7.33 -45.94
N ASP F 64 -22.75 -6.20 -46.45
CA ASP F 64 -23.39 -5.46 -47.55
C ASP F 64 -23.51 -6.25 -48.84
N THR F 65 -22.71 -7.30 -48.99
CA THR F 65 -22.85 -8.23 -50.12
C THR F 65 -24.26 -8.82 -50.22
N ASP F 66 -24.96 -8.89 -49.08
CA ASP F 66 -26.30 -9.46 -48.99
C ASP F 66 -27.33 -8.36 -49.22
N PRO F 67 -28.10 -8.44 -50.32
CA PRO F 67 -29.04 -7.36 -50.65
C PRO F 67 -30.18 -7.15 -49.66
N GLU F 68 -30.56 -8.17 -48.90
CA GLU F 68 -31.54 -7.94 -47.84
C GLU F 68 -30.98 -7.08 -46.68
N PHE F 69 -29.67 -7.14 -46.43
CA PHE F 69 -29.02 -6.30 -45.38
C PHE F 69 -28.30 -5.03 -45.90
N LYS F 70 -28.36 -4.74 -47.20
CA LYS F 70 -27.68 -3.56 -47.74
C LYS F 70 -28.40 -2.24 -47.34
N ASP F 71 -29.73 -2.26 -47.32
CA ASP F 71 -30.53 -1.07 -46.99
C ASP F 71 -31.12 -1.14 -45.55
N ALA F 72 -30.67 -2.11 -44.75
CA ALA F 72 -31.25 -2.37 -43.42
C ALA F 72 -30.78 -1.32 -42.43
N ASP F 73 -31.71 -0.70 -41.73
CA ASP F 73 -31.38 0.20 -40.61
C ASP F 73 -30.94 -0.60 -39.36
N SER F 74 -30.46 0.10 -38.35
CA SER F 74 -29.84 -0.54 -37.19
C SER F 74 -30.87 -1.30 -36.33
N PHE F 75 -32.10 -0.82 -36.25
CA PHE F 75 -33.14 -1.58 -35.61
C PHE F 75 -33.37 -2.94 -36.25
N LYS F 76 -33.39 -2.99 -37.59
CA LYS F 76 -33.58 -4.26 -38.29
C LYS F 76 -32.40 -5.22 -38.01
N LEU F 77 -31.19 -4.68 -38.04
CA LEU F 77 -30.04 -5.51 -37.69
C LEU F 77 -30.15 -6.05 -36.28
N LEU F 78 -30.61 -5.23 -35.33
CA LEU F 78 -30.72 -5.69 -33.95
C LEU F 78 -31.73 -6.83 -33.88
N GLN F 79 -32.82 -6.71 -34.63
CA GLN F 79 -33.82 -7.78 -34.66
C GLN F 79 -33.25 -9.08 -35.15
N HIS F 80 -32.41 -9.01 -36.19
CA HIS F 80 -31.71 -10.23 -36.65
C HIS F 80 -30.73 -10.79 -35.61
N VAL F 81 -30.03 -9.89 -34.91
CA VAL F 81 -29.10 -10.32 -33.82
C VAL F 81 -29.86 -11.07 -32.80
N TRP F 82 -31.00 -10.51 -32.42
CA TRP F 82 -31.84 -11.12 -31.40
C TRP F 82 -32.35 -12.50 -31.87
N GLY F 83 -32.67 -12.65 -33.15
CA GLY F 83 -32.97 -13.98 -33.71
C GLY F 83 -31.91 -15.04 -33.40
N ILE F 84 -30.64 -14.64 -33.53
CA ILE F 84 -29.49 -15.51 -33.22
C ILE F 84 -29.50 -15.88 -31.71
N VAL F 85 -29.72 -14.88 -30.85
CA VAL F 85 -29.74 -15.10 -29.40
C VAL F 85 -30.84 -16.10 -29.05
N LYS F 86 -32.02 -15.85 -29.58
CA LYS F 86 -33.19 -16.77 -29.34
C LYS F 86 -32.97 -18.19 -29.83
N GLN F 87 -32.37 -18.34 -30.99
CA GLN F 87 -32.01 -19.67 -31.51
C GLN F 87 -31.17 -20.45 -30.50
N LYS F 88 -30.29 -19.78 -29.75
CA LYS F 88 -29.51 -20.47 -28.73
C LYS F 88 -30.23 -20.76 -27.43
N GLY F 89 -31.50 -20.38 -27.33
CA GLY F 89 -32.29 -20.72 -26.14
C GLY F 89 -32.32 -19.68 -25.06
N TYR F 90 -31.87 -18.45 -25.38
CA TYR F 90 -31.87 -17.35 -24.44
C TYR F 90 -32.92 -16.29 -24.68
N VAL F 91 -33.28 -15.61 -23.58
CA VAL F 91 -34.10 -14.43 -23.56
C VAL F 91 -33.33 -13.35 -22.81
N LEU F 92 -33.79 -12.12 -22.84
CA LEU F 92 -33.12 -11.04 -22.09
C LEU F 92 -33.29 -11.24 -20.57
N GLY F 93 -32.20 -11.11 -19.81
CA GLY F 93 -32.29 -10.78 -18.39
C GLY F 93 -32.49 -9.29 -18.21
N ASN F 94 -31.42 -8.52 -18.41
CA ASN F 94 -31.53 -7.10 -18.45
C ASN F 94 -30.33 -6.51 -19.18
N ILE F 95 -30.45 -5.27 -19.58
CA ILE F 95 -29.40 -4.54 -20.27
C ILE F 95 -29.25 -3.15 -19.66
N ASP F 96 -28.00 -2.68 -19.51
CA ASP F 96 -27.71 -1.33 -19.04
C ASP F 96 -26.76 -0.69 -20.05
N CYS F 97 -27.12 0.49 -20.59
CA CYS F 97 -26.39 1.17 -21.69
C CYS F 97 -26.04 2.59 -21.26
N THR F 98 -24.90 3.07 -21.71
CA THR F 98 -24.47 4.41 -21.45
C THR F 98 -24.11 5.06 -22.79
N ILE F 99 -24.62 6.27 -23.01
CA ILE F 99 -24.20 7.13 -24.13
C ILE F 99 -23.23 8.15 -23.52
N ILE F 100 -22.08 8.30 -24.17
CA ILE F 100 -21.02 9.18 -23.76
C ILE F 100 -20.94 10.29 -24.83
N ALA F 101 -21.45 11.46 -24.47
CA ALA F 101 -21.57 12.56 -25.41
C ALA F 101 -21.61 13.88 -24.64
N GLN F 102 -20.77 14.84 -25.04
CA GLN F 102 -20.80 16.19 -24.48
C GLN F 102 -22.10 16.90 -24.83
N LYS F 103 -22.46 16.74 -26.10
CA LYS F 103 -23.75 17.20 -26.64
C LYS F 103 -24.21 16.34 -27.80
N PRO F 104 -25.49 16.36 -28.12
CA PRO F 104 -26.53 17.10 -27.41
C PRO F 104 -27.04 16.44 -26.13
N LYS F 105 -28.02 17.11 -25.54
CA LYS F 105 -28.73 16.67 -24.36
C LYS F 105 -29.61 15.50 -24.77
N MET F 106 -29.28 14.32 -24.26
CA MET F 106 -30.02 13.10 -24.62
C MET F 106 -31.27 12.93 -23.82
N LEU F 107 -31.29 13.49 -22.59
CA LEU F 107 -32.37 13.26 -21.60
C LEU F 107 -33.83 13.26 -22.13
N PRO F 108 -34.24 14.25 -22.96
CA PRO F 108 -35.62 14.24 -23.45
C PRO F 108 -36.02 12.99 -24.25
N TYR F 109 -35.06 12.26 -24.84
CA TYR F 109 -35.33 11.12 -25.72
C TYR F 109 -34.99 9.75 -25.11
N ILE F 110 -34.45 9.73 -23.91
CA ILE F 110 -34.00 8.49 -23.26
C ILE F 110 -35.16 7.51 -23.08
N GLU F 111 -36.30 7.96 -22.54
CA GLU F 111 -37.41 7.03 -22.37
C GLU F 111 -37.89 6.44 -23.68
N ASP F 112 -37.77 7.18 -24.78
CA ASP F 112 -38.12 6.59 -26.08
C ASP F 112 -37.08 5.55 -26.51
N MET F 113 -35.81 5.79 -26.23
CA MET F 113 -34.76 4.81 -26.62
C MET F 113 -34.94 3.50 -25.90
N ARG F 114 -35.25 3.59 -24.61
CA ARG F 114 -35.55 2.43 -23.82
C ARG F 114 -36.66 1.58 -24.39
N LYS F 115 -37.74 2.23 -24.80
CA LYS F 115 -38.88 1.53 -25.40
C LYS F 115 -38.51 0.84 -26.70
N ARG F 116 -37.66 1.48 -27.50
CA ARG F 116 -37.28 0.92 -28.81
C ARG F 116 -36.34 -0.29 -28.64
N ILE F 117 -35.43 -0.17 -27.68
CA ILE F 117 -34.55 -1.27 -27.36
C ILE F 117 -35.31 -2.46 -26.85
N ALA F 118 -36.24 -2.21 -25.92
CA ALA F 118 -37.09 -3.25 -25.39
C ALA F 118 -37.84 -4.01 -26.45
N GLU F 119 -38.39 -3.30 -27.43
CA GLU F 119 -39.09 -3.93 -28.55
C GLU F 119 -38.19 -4.87 -29.36
N GLY F 120 -37.02 -4.35 -29.77
CA GLY F 120 -35.99 -5.14 -30.43
C GLY F 120 -35.51 -6.39 -29.68
N LEU F 121 -35.50 -6.35 -28.34
CA LEU F 121 -35.07 -7.51 -27.50
C LEU F 121 -36.26 -8.24 -26.88
N GLU F 122 -37.47 -7.97 -27.38
CA GLU F 122 -38.72 -8.67 -27.00
C GLU F 122 -38.93 -8.71 -25.52
N ALA F 123 -38.76 -7.56 -24.88
CA ALA F 123 -38.67 -7.52 -23.45
C ALA F 123 -39.54 -6.39 -22.93
N ASP F 124 -39.65 -6.28 -21.60
CA ASP F 124 -40.29 -5.18 -20.92
C ASP F 124 -39.30 -4.02 -20.78
N VAL F 125 -39.82 -2.80 -20.81
CA VAL F 125 -39.01 -1.58 -20.61
C VAL F 125 -38.26 -1.60 -19.26
N SER F 126 -38.82 -2.25 -18.27
CA SER F 126 -38.16 -2.39 -16.98
C SER F 126 -36.84 -3.17 -17.06
N GLN F 127 -36.63 -3.95 -18.13
CA GLN F 127 -35.41 -4.71 -18.31
C GLN F 127 -34.30 -3.95 -19.01
N VAL F 128 -34.56 -2.71 -19.40
CA VAL F 128 -33.69 -1.88 -20.23
C VAL F 128 -33.40 -0.60 -19.52
N ASN F 129 -32.11 -0.28 -19.37
CA ASN F 129 -31.74 0.99 -18.83
C ASN F 129 -30.86 1.73 -19.81
N VAL F 130 -31.07 3.02 -19.93
CA VAL F 130 -30.22 3.83 -20.79
C VAL F 130 -29.93 5.09 -20.00
N LYS F 131 -28.67 5.51 -19.99
CA LYS F 131 -28.26 6.75 -19.40
C LYS F 131 -27.23 7.43 -20.28
N ALA F 132 -27.08 8.71 -20.06
CA ALA F 132 -26.12 9.53 -20.80
C ALA F 132 -25.21 10.26 -19.84
N THR F 133 -23.92 10.36 -20.19
CA THR F 133 -22.95 11.12 -19.44
C THR F 133 -22.04 11.92 -20.38
N THR F 134 -21.52 13.05 -19.88
CA THR F 134 -20.47 13.78 -20.57
C THR F 134 -19.12 13.34 -20.02
N THR F 135 -18.06 13.74 -20.70
CA THR F 135 -16.70 13.59 -20.14
C THR F 135 -16.11 14.94 -19.66
N GLU F 136 -16.98 15.87 -19.28
CA GLU F 136 -16.58 17.15 -18.68
C GLU F 136 -15.53 17.88 -19.54
N LYS F 137 -15.80 17.90 -20.85
CA LYS F 137 -14.98 18.54 -21.89
C LYS F 137 -13.61 17.91 -22.12
N LEU F 138 -13.41 16.70 -21.63
CA LEU F 138 -12.13 16.00 -21.80
C LEU F 138 -12.18 14.98 -22.94
N GLY F 139 -11.11 14.91 -23.74
CA GLY F 139 -10.99 13.92 -24.81
C GLY F 139 -11.88 14.24 -26.00
N PHE F 140 -11.91 13.33 -26.95
CA PHE F 140 -12.64 13.54 -28.21
C PHE F 140 -14.17 13.65 -28.05
N THR F 141 -14.71 12.95 -27.03
CA THR F 141 -16.11 13.11 -26.70
C THR F 141 -16.34 14.47 -26.12
N GLY F 142 -15.41 14.92 -25.28
CA GLY F 142 -15.49 16.25 -24.66
C GLY F 142 -15.40 17.41 -25.63
N ARG F 143 -14.66 17.24 -26.72
CA ARG F 143 -14.59 18.19 -27.84
C ARG F 143 -15.69 18.01 -28.91
N ALA F 144 -16.67 17.13 -28.63
CA ALA F 144 -17.82 16.93 -29.49
C ALA F 144 -17.43 16.43 -30.88
N GLU F 145 -16.32 15.71 -30.98
CA GLU F 145 -15.89 15.12 -32.26
C GLU F 145 -16.55 13.80 -32.57
N GLY F 146 -17.09 13.16 -31.54
CA GLY F 146 -17.66 11.83 -31.69
C GLY F 146 -18.54 11.53 -30.49
N ILE F 147 -19.31 10.44 -30.60
CA ILE F 147 -20.22 9.99 -29.54
C ILE F 147 -19.91 8.53 -29.40
N ALA F 148 -19.79 8.08 -28.15
CA ALA F 148 -19.51 6.68 -27.87
C ALA F 148 -20.65 6.10 -27.07
N ALA F 149 -20.71 4.78 -27.07
CA ALA F 149 -21.66 4.06 -26.23
C ALA F 149 -21.04 2.74 -25.75
N GLN F 150 -21.51 2.32 -24.59
CA GLN F 150 -21.14 1.06 -23.98
C GLN F 150 -22.48 0.41 -23.54
N ALA F 151 -22.57 -0.91 -23.65
CA ALA F 151 -23.73 -1.64 -23.12
C ALA F 151 -23.28 -2.95 -22.52
N THR F 152 -23.93 -3.36 -21.44
CA THR F 152 -23.65 -4.65 -20.81
C THR F 152 -24.98 -5.36 -20.71
N VAL F 153 -25.00 -6.60 -21.16
CA VAL F 153 -26.23 -7.33 -21.27
C VAL F 153 -26.07 -8.61 -20.48
N LEU F 154 -27.12 -8.97 -19.76
CA LEU F 154 -27.24 -10.29 -19.18
C LEU F 154 -28.42 -11.02 -19.83
N ILE F 155 -28.15 -12.17 -20.41
CA ILE F 155 -29.20 -13.00 -21.02
C ILE F 155 -29.32 -14.24 -20.19
N GLN F 156 -30.48 -14.85 -20.25
CA GLN F 156 -30.74 -16.06 -19.42
C GLN F 156 -31.51 -17.07 -20.26
N LYS F 157 -31.33 -18.34 -19.93
CA LYS F 157 -32.11 -19.40 -20.57
C LYS F 157 -33.58 -19.12 -20.36
N GLY F 158 -34.36 -19.16 -21.43
CA GLY F 158 -35.79 -18.99 -21.24
C GLY F 158 -36.55 -19.36 -22.48
#